data_6QYY
#
_entry.id   6QYY
#
_cell.length_a   55.212
_cell.length_b   65.070
_cell.length_c   118.874
_cell.angle_alpha   90.00
_cell.angle_beta   99.09
_cell.angle_gamma   90.00
#
_symmetry.space_group_name_H-M   'P 1 21 1'
#
loop_
_entity.id
_entity.type
_entity.pdbx_description
1 polymer 'Capsid fiber protein'
2 non-polymer 'SULFATE ION'
3 water water
#
_entity_poly.entity_id   1
_entity_poly.type   'polypeptide(L)'
_entity_poly.pdbx_seq_one_letter_code
;MMVSFTARAKSNVMAYRLLAYSQGDDIIEISHAAENTIPDYVAVKDVDKGDLTQVNMYPLAAWQVIAGSDIKVGDNLTTG
KDGTAVPTDDPSTVFGYAVEEAQEGQLVTLVISRSKLEH
;
_entity_poly.pdbx_strand_id   A,B,C,D,E,F
#
loop_
_chem_comp.id
_chem_comp.type
_chem_comp.name
_chem_comp.formula
SO4 non-polymer 'SULFATE ION' 'O4 S -2'
#
# COMPACT_ATOMS: atom_id res chain seq x y z
N MET A 1 -1.71 0.82 23.35
CA MET A 1 -1.93 2.17 22.84
C MET A 1 -2.98 2.84 23.70
N MET A 2 -2.62 3.17 24.93
CA MET A 2 -3.52 3.82 25.87
C MET A 2 -3.10 5.27 26.05
N VAL A 3 -4.09 6.14 26.20
CA VAL A 3 -3.89 7.56 26.48
C VAL A 3 -4.68 7.89 27.73
N SER A 4 -4.04 8.54 28.71
CA SER A 4 -4.69 8.78 30.00
C SER A 4 -4.67 10.27 30.35
N PHE A 5 -5.67 10.68 31.14
CA PHE A 5 -5.74 12.01 31.70
C PHE A 5 -6.56 11.96 33.00
N THR A 6 -6.38 12.98 33.82
CA THR A 6 -7.09 13.03 35.10
C THR A 6 -8.35 13.88 34.94
N ALA A 7 -9.43 13.41 35.54
CA ALA A 7 -10.71 14.10 35.50
C ALA A 7 -11.29 14.07 36.91
N ARG A 8 -12.29 14.90 37.12
CA ARG A 8 -13.05 14.90 38.37
C ARG A 8 -14.49 14.52 38.03
N ALA A 9 -15.07 13.62 38.83
CA ALA A 9 -16.46 13.25 38.62
C ALA A 9 -17.35 14.37 39.12
N LYS A 10 -18.19 14.92 38.24
CA LYS A 10 -19.09 15.97 38.68
C LYS A 10 -20.39 15.41 39.26
N SER A 11 -20.67 14.14 39.03
CA SER A 11 -21.73 13.41 39.69
C SER A 11 -21.28 11.96 39.73
N ASN A 12 -22.01 11.13 40.47
CA ASN A 12 -21.57 9.74 40.61
C ASN A 12 -21.54 9.07 39.24
N VAL A 13 -20.47 8.31 38.99
CA VAL A 13 -20.28 7.60 37.72
C VAL A 13 -20.19 6.12 38.02
N MET A 14 -21.01 5.32 37.34
CA MET A 14 -20.96 3.89 37.52
C MET A 14 -20.21 3.23 36.36
N ALA A 15 -19.63 2.06 36.66
CA ALA A 15 -18.84 1.38 35.65
C ALA A 15 -19.74 0.96 34.49
N TYR A 16 -19.15 0.95 33.28
CA TYR A 16 -19.83 0.52 32.07
C TYR A 16 -20.99 1.44 31.70
N ARG A 17 -20.88 2.72 32.03
CA ARG A 17 -21.84 3.71 31.63
C ARG A 17 -21.19 4.72 30.69
N LEU A 18 -21.99 5.23 29.76
CA LEU A 18 -21.49 6.20 28.80
C LEU A 18 -21.20 7.53 29.49
N LEU A 19 -20.15 8.21 29.04
CA LEU A 19 -19.66 9.42 29.69
C LEU A 19 -19.71 10.64 28.77
N ALA A 20 -19.95 11.78 29.38
CA ALA A 20 -19.80 13.09 28.78
C ALA A 20 -18.65 13.84 29.45
N TYR A 21 -17.80 14.46 28.64
CA TYR A 21 -16.76 15.32 29.19
C TYR A 21 -17.28 16.75 29.26
N SER A 22 -16.94 17.45 30.34
CA SER A 22 -17.42 18.82 30.47
C SER A 22 -16.34 19.66 31.13
N GLN A 23 -16.47 20.97 30.93
CA GLN A 23 -15.54 21.95 31.47
C GLN A 23 -15.81 22.14 32.96
N GLY A 24 -14.83 21.80 33.78
CA GLY A 24 -14.84 22.14 35.20
C GLY A 24 -13.90 23.27 35.52
N ASP A 25 -13.52 23.36 36.79
CA ASP A 25 -12.59 24.40 37.24
C ASP A 25 -11.17 23.86 37.12
N ASP A 26 -10.44 24.31 36.09
CA ASP A 26 -9.06 23.88 35.83
C ASP A 26 -8.95 22.38 35.61
N ILE A 27 -10.06 21.71 35.28
CA ILE A 27 -10.06 20.26 35.14
C ILE A 27 -11.26 19.86 34.31
N ILE A 28 -11.13 18.75 33.58
CA ILE A 28 -12.25 18.15 32.87
C ILE A 28 -13.09 17.41 33.89
N GLU A 29 -14.40 17.58 33.80
CA GLU A 29 -15.31 16.81 34.63
C GLU A 29 -15.99 15.74 33.79
N ILE A 30 -16.25 14.59 34.40
CA ILE A 30 -16.99 13.53 33.74
C ILE A 30 -18.31 13.33 34.48
N SER A 31 -19.29 12.82 33.74
CA SER A 31 -20.59 12.45 34.28
C SER A 31 -21.22 11.55 33.25
N HIS A 32 -22.31 10.89 33.65
CA HIS A 32 -23.07 10.09 32.70
C HIS A 32 -23.54 10.95 31.53
N ALA A 33 -23.33 10.45 30.32
CA ALA A 33 -23.84 11.11 29.13
C ALA A 33 -25.35 11.26 29.23
N ALA A 34 -25.85 12.41 28.76
CA ALA A 34 -27.28 12.68 28.82
C ALA A 34 -28.05 11.81 27.84
N GLU A 35 -29.29 11.52 28.20
CA GLU A 35 -30.16 10.70 27.36
C GLU A 35 -30.30 11.30 25.95
N ASN A 36 -30.28 10.43 24.94
CA ASN A 36 -30.38 10.75 23.52
C ASN A 36 -29.23 11.63 23.00
N THR A 37 -28.07 11.64 23.66
CA THR A 37 -26.93 12.37 23.13
C THR A 37 -25.83 11.39 22.71
N ILE A 38 -24.89 11.89 21.91
CA ILE A 38 -23.71 11.10 21.54
C ILE A 38 -22.72 11.16 22.69
N PRO A 39 -22.31 10.03 23.26
CA PRO A 39 -21.36 10.06 24.36
C PRO A 39 -19.97 10.46 23.87
N ASP A 40 -19.17 10.95 24.82
CA ASP A 40 -17.77 11.23 24.55
C ASP A 40 -16.89 10.01 24.76
N TYR A 41 -17.18 9.22 25.79
CA TYR A 41 -16.43 8.00 26.05
C TYR A 41 -17.29 7.10 26.93
N VAL A 42 -16.65 6.13 27.60
CA VAL A 42 -17.33 5.13 28.40
C VAL A 42 -16.50 4.86 29.66
N ALA A 43 -17.17 4.61 30.78
CA ALA A 43 -16.47 4.37 32.02
C ALA A 43 -16.18 2.88 32.16
N VAL A 44 -15.04 2.55 32.72
CA VAL A 44 -14.77 1.16 33.11
C VAL A 44 -14.62 1.00 34.59
N LYS A 45 -14.79 2.06 35.36
CA LYS A 45 -14.79 1.97 36.81
C LYS A 45 -15.82 2.93 37.38
N ASP A 46 -16.11 2.74 38.65
CA ASP A 46 -17.07 3.54 39.39
C ASP A 46 -16.32 4.68 40.08
N VAL A 47 -16.81 5.92 39.94
CA VAL A 47 -16.19 7.08 40.56
C VAL A 47 -17.24 7.84 41.37
N ASP A 48 -16.91 8.21 42.60
CA ASP A 48 -17.83 8.97 43.43
C ASP A 48 -17.76 10.45 43.09
N LYS A 49 -18.90 11.12 43.19
CA LYS A 49 -19.02 12.54 42.89
C LYS A 49 -17.93 13.34 43.61
N GLY A 50 -17.26 14.21 42.86
CA GLY A 50 -16.21 15.04 43.38
C GLY A 50 -14.85 14.38 43.51
N ASP A 51 -14.72 13.09 43.21
CA ASP A 51 -13.43 12.44 43.32
C ASP A 51 -12.65 12.57 42.03
N LEU A 52 -11.33 12.56 42.16
CA LEU A 52 -10.48 12.45 40.99
C LEU A 52 -10.48 11.02 40.48
N THR A 53 -10.15 10.89 39.19
CA THR A 53 -10.08 9.59 38.56
C THR A 53 -9.17 9.70 37.35
N GLN A 54 -8.50 8.61 37.03
CA GLN A 54 -7.68 8.53 35.83
C GLN A 54 -8.52 7.90 34.73
N VAL A 55 -8.74 8.65 33.65
CA VAL A 55 -9.53 8.17 32.51
C VAL A 55 -8.57 7.60 31.48
N ASN A 56 -8.69 6.30 31.20
CA ASN A 56 -7.80 5.65 30.24
C ASN A 56 -8.56 5.41 28.95
N MET A 57 -8.13 6.03 27.87
CA MET A 57 -8.82 5.88 26.60
C MET A 57 -8.01 5.00 25.67
N TYR A 58 -8.73 4.11 24.99
CA TYR A 58 -8.21 3.04 24.14
C TYR A 58 -8.71 3.20 22.71
N PRO A 59 -8.06 2.56 21.74
CA PRO A 59 -8.55 2.62 20.35
C PRO A 59 -9.99 2.17 20.24
N LEU A 60 -10.71 2.81 19.31
CA LEU A 60 -12.16 2.64 19.19
C LEU A 60 -12.49 1.47 18.27
N ALA A 61 -13.22 0.50 18.79
CA ALA A 61 -13.91 -0.45 17.92
C ALA A 61 -15.21 -0.83 18.60
N ALA A 62 -15.13 -1.51 19.73
CA ALA A 62 -16.32 -1.95 20.46
C ALA A 62 -16.26 -1.45 21.91
N TRP A 63 -17.44 -1.21 22.48
CA TRP A 63 -17.57 -0.83 23.89
C TRP A 63 -18.48 -1.80 24.61
N GLN A 64 -18.24 -1.98 25.91
CA GLN A 64 -19.17 -2.70 26.79
C GLN A 64 -19.94 -1.68 27.61
N VAL A 65 -21.28 -1.73 27.50
CA VAL A 65 -22.15 -0.76 28.16
C VAL A 65 -23.35 -1.47 28.78
N ILE A 66 -23.78 -1.00 29.94
CA ILE A 66 -25.01 -1.53 30.55
C ILE A 66 -26.22 -1.17 29.70
N ALA A 67 -27.07 -2.15 29.42
CA ALA A 67 -28.32 -1.91 28.70
C ALA A 67 -29.35 -1.23 29.58
N GLY A 68 -29.92 -0.13 29.08
CA GLY A 68 -31.03 0.51 29.79
C GLY A 68 -32.39 -0.10 29.54
N SER A 69 -32.51 -0.96 28.54
CA SER A 69 -33.70 -1.75 28.26
C SER A 69 -33.26 -2.92 27.39
N ASP A 70 -34.21 -3.79 27.03
CA ASP A 70 -33.86 -4.99 26.29
C ASP A 70 -33.30 -4.63 24.92
N ILE A 71 -32.16 -5.21 24.59
CA ILE A 71 -31.47 -4.93 23.34
C ILE A 71 -31.36 -6.24 22.56
N LYS A 72 -31.70 -6.18 21.27
CA LYS A 72 -31.58 -7.31 20.37
C LYS A 72 -30.36 -7.12 19.48
N VAL A 73 -29.77 -8.24 19.06
CA VAL A 73 -28.61 -8.17 18.17
C VAL A 73 -28.97 -7.37 16.94
N GLY A 74 -28.16 -6.38 16.61
CA GLY A 74 -28.40 -5.55 15.45
C GLY A 74 -29.13 -4.25 15.72
N ASP A 75 -29.63 -4.04 16.94
CA ASP A 75 -30.28 -2.77 17.29
C ASP A 75 -29.29 -1.62 17.17
N ASN A 76 -29.75 -0.51 16.61
CA ASN A 76 -29.01 0.74 16.73
C ASN A 76 -29.24 1.34 18.10
N LEU A 77 -28.19 1.94 18.66
CA LEU A 77 -28.15 2.33 20.06
C LEU A 77 -27.85 3.81 20.23
N THR A 78 -28.46 4.40 21.26
CA THR A 78 -28.17 5.75 21.76
C THR A 78 -28.09 5.70 23.28
N THR A 79 -27.80 6.85 23.89
CA THR A 79 -27.75 6.94 25.34
C THR A 79 -29.15 6.93 25.93
N GLY A 80 -29.38 6.08 26.93
CA GLY A 80 -30.60 6.07 27.71
C GLY A 80 -30.45 6.80 29.03
N LYS A 81 -31.24 6.37 30.02
CA LYS A 81 -31.13 6.94 31.37
C LYS A 81 -29.85 6.47 32.06
N ASP A 82 -29.29 7.35 32.91
CA ASP A 82 -28.13 7.03 33.75
C ASP A 82 -26.95 6.50 32.94
N GLY A 83 -26.78 6.99 31.70
CA GLY A 83 -25.62 6.59 30.92
C GLY A 83 -25.66 5.17 30.39
N THR A 84 -26.83 4.54 30.38
CA THR A 84 -26.97 3.23 29.79
C THR A 84 -27.11 3.37 28.27
N ALA A 85 -27.11 2.24 27.58
CA ALA A 85 -27.35 2.19 26.15
C ALA A 85 -28.72 1.61 25.88
N VAL A 86 -29.47 2.22 24.95
CA VAL A 86 -30.83 1.74 24.62
C VAL A 86 -31.04 1.81 23.13
N PRO A 87 -31.97 0.99 22.62
CA PRO A 87 -32.33 1.07 21.19
C PRO A 87 -32.93 2.42 20.84
N THR A 88 -32.71 2.83 19.59
CA THR A 88 -33.35 4.00 19.02
C THR A 88 -33.44 3.80 17.51
N ASP A 89 -34.27 4.62 16.87
CA ASP A 89 -34.30 4.68 15.42
C ASP A 89 -34.02 6.09 14.89
N ASP A 90 -33.73 7.06 15.77
CA ASP A 90 -33.34 8.40 15.34
C ASP A 90 -31.91 8.37 14.86
N PRO A 91 -31.66 8.53 13.56
CA PRO A 91 -30.28 8.44 13.06
C PRO A 91 -29.35 9.47 13.67
N SER A 92 -29.85 10.64 14.03
CA SER A 92 -28.98 11.69 14.56
C SER A 92 -28.47 11.40 15.98
N THR A 93 -28.98 10.37 16.66
CA THR A 93 -28.52 10.07 18.01
C THR A 93 -27.86 8.70 18.11
N VAL A 94 -27.76 7.96 17.01
CA VAL A 94 -27.11 6.66 17.04
C VAL A 94 -25.61 6.84 17.18
N PHE A 95 -25.00 6.06 18.07
CA PHE A 95 -23.55 6.01 18.18
C PHE A 95 -22.99 4.62 18.00
N GLY A 96 -23.83 3.62 17.80
CA GLY A 96 -23.31 2.27 17.64
C GLY A 96 -24.44 1.30 17.41
N TYR A 97 -24.08 0.03 17.23
CA TYR A 97 -25.06 -1.02 17.04
C TYR A 97 -24.66 -2.23 17.86
N ALA A 98 -25.66 -2.96 18.33
CA ALA A 98 -25.41 -4.09 19.22
C ALA A 98 -25.02 -5.31 18.41
N VAL A 99 -23.99 -6.02 18.86
CA VAL A 99 -23.63 -7.32 18.28
C VAL A 99 -23.82 -8.45 19.26
N GLU A 100 -24.31 -8.16 20.45
CA GLU A 100 -24.77 -9.16 21.40
C GLU A 100 -26.16 -8.77 21.87
N GLU A 101 -26.89 -9.76 22.37
CA GLU A 101 -28.20 -9.57 22.97
C GLU A 101 -28.03 -9.23 24.45
N ALA A 102 -28.86 -8.32 24.96
CA ALA A 102 -28.76 -7.99 26.38
C ALA A 102 -30.11 -7.57 26.91
N GLN A 103 -30.53 -8.18 28.03
CA GLN A 103 -31.67 -7.68 28.76
C GLN A 103 -31.28 -6.44 29.56
N GLU A 104 -32.29 -5.70 30.01
CA GLU A 104 -32.05 -4.50 30.80
C GLU A 104 -31.20 -4.84 32.01
N GLY A 105 -30.13 -4.07 32.22
CA GLY A 105 -29.18 -4.32 33.28
C GLY A 105 -27.97 -5.15 32.89
N GLN A 106 -28.05 -5.90 31.80
CA GLN A 106 -26.91 -6.68 31.35
C GLN A 106 -25.94 -5.84 30.53
N LEU A 107 -24.71 -6.34 30.42
CA LEU A 107 -23.67 -5.67 29.63
C LEU A 107 -23.88 -5.99 28.15
N VAL A 108 -24.06 -4.96 27.32
CA VAL A 108 -24.15 -5.16 25.87
C VAL A 108 -22.81 -4.82 25.25
N THR A 109 -22.41 -5.56 24.23
CA THR A 109 -21.25 -5.22 23.43
C THR A 109 -21.74 -4.57 22.15
N LEU A 110 -21.26 -3.37 21.88
CA LEU A 110 -21.70 -2.62 20.70
C LEU A 110 -20.50 -2.15 19.89
N VAL A 111 -20.72 -2.02 18.60
CA VAL A 111 -19.70 -1.53 17.68
C VAL A 111 -19.96 -0.04 17.47
N ILE A 112 -18.93 0.76 17.69
CA ILE A 112 -19.08 2.21 17.55
C ILE A 112 -19.24 2.57 16.07
N SER A 113 -20.30 3.31 15.77
CA SER A 113 -20.64 3.65 14.39
C SER A 113 -21.71 4.73 14.40
N ARG A 114 -21.50 5.84 13.69
CA ARG A 114 -22.54 6.86 13.65
C ARG A 114 -23.60 6.58 12.60
N SER A 115 -23.46 5.52 11.80
CA SER A 115 -24.46 5.14 10.81
C SER A 115 -25.27 3.94 11.29
N LYS A 116 -26.58 3.96 11.00
CA LYS A 116 -27.47 2.90 11.43
C LYS A 116 -27.23 1.62 10.62
N LEU A 117 -27.47 0.48 11.26
CA LEU A 117 -27.60 -0.78 10.54
C LEU A 117 -28.95 -0.86 9.85
N GLU A 118 -28.93 -1.33 8.60
CA GLU A 118 -30.16 -1.53 7.86
C GLU A 118 -30.95 -2.71 8.44
N HIS A 119 -32.21 -2.47 8.77
CA HIS A 119 -33.04 -3.51 9.38
C HIS A 119 -33.97 -4.15 8.35
N MET B 1 34.99 8.07 -33.75
CA MET B 1 35.61 8.64 -32.55
C MET B 1 34.55 9.20 -31.62
N MET B 2 34.96 9.49 -30.39
CA MET B 2 34.08 10.10 -29.41
C MET B 2 34.45 11.57 -29.26
N VAL B 3 33.43 12.41 -29.10
CA VAL B 3 33.60 13.83 -28.79
C VAL B 3 32.87 14.12 -27.49
N SER B 4 33.54 14.80 -26.57
CA SER B 4 33.04 14.89 -25.20
C SER B 4 33.11 16.33 -24.72
N PHE B 5 32.09 16.74 -23.95
CA PHE B 5 32.06 18.06 -23.34
C PHE B 5 31.19 18.02 -22.08
N THR B 6 31.34 19.05 -21.25
CA THR B 6 30.61 19.14 -20.01
C THR B 6 29.33 19.93 -20.18
N ALA B 7 28.26 19.46 -19.55
CA ALA B 7 26.99 20.17 -19.54
C ALA B 7 26.41 20.14 -18.14
N ARG B 8 25.42 20.99 -17.92
CA ARG B 8 24.65 21.00 -16.69
C ARG B 8 23.20 20.71 -17.02
N ALA B 9 22.58 19.81 -16.25
CA ALA B 9 21.19 19.48 -16.44
C ALA B 9 20.31 20.62 -15.95
N LYS B 10 19.54 21.20 -16.87
CA LYS B 10 18.59 22.27 -16.53
C LYS B 10 17.38 21.71 -15.82
N SER B 11 17.12 20.42 -15.98
CA SER B 11 16.08 19.69 -15.25
C SER B 11 16.48 18.23 -15.25
N ASN B 12 15.70 17.41 -14.54
N ASN B 12 15.71 17.42 -14.52
CA ASN B 12 16.01 15.99 -14.42
CA ASN B 12 16.00 15.99 -14.42
C ASN B 12 16.04 15.32 -15.80
C ASN B 12 16.06 15.36 -15.82
N VAL B 13 17.11 14.59 -16.06
CA VAL B 13 17.26 13.88 -17.33
C VAL B 13 17.34 12.39 -17.02
N MET B 14 16.51 11.60 -17.69
CA MET B 14 16.50 10.17 -17.54
C MET B 14 17.25 9.50 -18.68
N ALA B 15 17.83 8.34 -18.40
CA ALA B 15 18.59 7.62 -19.41
C ALA B 15 17.69 7.23 -20.56
N TYR B 16 18.25 7.24 -21.77
CA TYR B 16 17.55 6.82 -22.99
C TYR B 16 16.41 7.77 -23.36
N ARG B 17 16.56 9.04 -23.00
CA ARG B 17 15.62 10.08 -23.38
C ARG B 17 16.28 11.08 -24.32
N LEU B 18 15.48 11.61 -25.23
CA LEU B 18 15.98 12.57 -26.21
C LEU B 18 16.30 13.90 -25.52
N LEU B 19 17.40 14.53 -25.94
CA LEU B 19 17.91 15.74 -25.31
C LEU B 19 17.87 16.95 -26.23
N ALA B 20 17.72 18.11 -25.60
CA ALA B 20 17.88 19.40 -26.24
C ALA B 20 19.01 20.15 -25.55
N TYR B 21 19.85 20.81 -26.33
CA TYR B 21 20.91 21.64 -25.79
C TYR B 21 20.40 23.07 -25.70
N SER B 22 20.74 23.75 -24.62
CA SER B 22 20.34 25.14 -24.47
C SER B 22 21.46 25.94 -23.83
N GLN B 23 21.32 27.25 -23.94
CA GLN B 23 22.30 28.18 -23.42
C GLN B 23 22.10 28.32 -21.92
N GLY B 24 23.11 27.95 -21.15
CA GLY B 24 23.20 28.34 -19.76
C GLY B 24 24.07 29.57 -19.61
N ASP B 25 24.72 29.70 -18.45
CA ASP B 25 25.73 30.72 -18.25
C ASP B 25 27.09 30.05 -18.09
N ASP B 26 27.99 30.33 -19.03
CA ASP B 26 29.33 29.74 -19.12
C ASP B 26 29.31 28.23 -19.37
N ILE B 27 28.15 27.65 -19.68
CA ILE B 27 28.05 26.21 -19.87
C ILE B 27 26.78 25.89 -20.64
N ILE B 28 26.83 24.82 -21.45
CA ILE B 28 25.66 24.33 -22.15
C ILE B 28 24.79 23.58 -21.15
N GLU B 29 23.49 23.76 -21.27
CA GLU B 29 22.52 23.02 -20.46
C GLU B 29 21.84 21.95 -21.31
N ILE B 30 21.48 20.85 -20.67
CA ILE B 30 20.71 19.80 -21.32
C ILE B 30 19.39 19.64 -20.57
N SER B 31 18.38 19.21 -21.30
CA SER B 31 17.08 18.83 -20.74
C SER B 31 16.42 17.92 -21.75
N HIS B 32 15.32 17.30 -21.35
CA HIS B 32 14.54 16.52 -22.30
C HIS B 32 14.08 17.36 -23.48
N ALA B 33 14.23 16.84 -24.69
CA ALA B 33 13.71 17.53 -25.87
C ALA B 33 12.20 17.70 -25.76
N ALA B 34 11.70 18.81 -26.29
CA ALA B 34 10.28 19.11 -26.22
C ALA B 34 9.47 18.21 -27.15
N GLU B 35 8.23 17.94 -26.76
CA GLU B 35 7.31 17.18 -27.60
C GLU B 35 7.23 17.79 -29.00
N ASN B 36 7.31 16.91 -30.01
CA ASN B 36 7.20 17.28 -31.43
C ASN B 36 8.37 18.12 -31.93
N THR B 37 9.51 18.11 -31.25
CA THR B 37 10.70 18.80 -31.70
C THR B 37 11.68 17.79 -32.27
N ILE B 38 12.64 18.29 -33.05
CA ILE B 38 13.78 17.49 -33.47
C ILE B 38 14.81 17.54 -32.33
N PRO B 39 15.22 16.40 -31.79
CA PRO B 39 16.18 16.43 -30.68
C PRO B 39 17.58 16.77 -31.17
N ASP B 40 18.40 17.24 -30.22
CA ASP B 40 19.81 17.50 -30.49
C ASP B 40 20.67 16.28 -30.27
N TYR B 41 20.40 15.53 -29.21
CA TYR B 41 21.14 14.29 -28.98
C TYR B 41 20.26 13.39 -28.11
N VAL B 42 20.88 12.40 -27.48
CA VAL B 42 20.16 11.43 -26.66
C VAL B 42 20.98 11.15 -25.41
N ALA B 43 20.30 10.89 -24.30
CA ALA B 43 20.97 10.61 -23.05
C ALA B 43 21.23 9.12 -22.90
N VAL B 44 22.41 8.77 -22.39
CA VAL B 44 22.69 7.38 -22.04
C VAL B 44 22.83 7.19 -20.55
N LYS B 45 22.66 8.25 -19.77
CA LYS B 45 22.77 8.18 -18.32
C LYS B 45 21.74 9.12 -17.73
N ASP B 46 21.39 8.89 -16.47
CA ASP B 46 20.49 9.76 -15.73
C ASP B 46 21.30 10.88 -15.09
N VAL B 47 20.79 12.10 -15.12
CA VAL B 47 21.46 13.23 -14.47
C VAL B 47 20.41 14.07 -13.74
N ASP B 48 20.75 14.43 -12.51
CA ASP B 48 19.83 15.20 -11.68
C ASP B 48 19.90 16.69 -12.02
N LYS B 49 18.77 17.37 -11.83
CA LYS B 49 18.67 18.79 -12.13
C LYS B 49 19.77 19.58 -11.42
N GLY B 50 20.50 20.37 -12.18
CA GLY B 50 21.56 21.19 -11.64
C GLY B 50 22.92 20.53 -11.55
N ASP B 51 23.05 19.25 -11.86
CA ASP B 51 24.34 18.60 -11.74
C ASP B 51 25.10 18.66 -13.07
N LEU B 52 26.42 18.69 -12.96
CA LEU B 52 27.24 18.54 -14.15
C LEU B 52 27.17 17.12 -14.65
N THR B 53 27.47 16.95 -15.93
CA THR B 53 27.55 15.64 -16.53
C THR B 53 28.47 15.74 -17.73
N GLN B 54 29.11 14.64 -18.08
CA GLN B 54 29.93 14.61 -19.27
C GLN B 54 29.11 13.99 -20.40
N VAL B 55 28.90 14.76 -21.46
CA VAL B 55 28.14 14.29 -22.63
C VAL B 55 29.13 13.73 -23.64
N ASN B 56 28.97 12.45 -24.00
CA ASN B 56 29.84 11.78 -24.95
C ASN B 56 29.02 11.57 -26.22
N MET B 57 29.42 12.25 -27.29
CA MET B 57 28.70 12.12 -28.54
C MET B 57 29.47 11.23 -29.51
N TYR B 58 28.74 10.35 -30.18
CA TYR B 58 29.28 9.30 -31.04
C TYR B 58 28.78 9.49 -32.47
N PRO B 59 29.45 8.89 -33.46
CA PRO B 59 28.95 8.96 -34.85
C PRO B 59 27.49 8.54 -34.96
N LEU B 60 26.78 9.18 -35.90
CA LEU B 60 25.33 9.05 -36.00
C LEU B 60 24.95 7.88 -36.90
N ALA B 61 24.31 6.88 -36.32
CA ALA B 61 23.61 5.89 -37.13
C ALA B 61 22.28 5.54 -36.46
N ALA B 62 22.32 4.84 -35.34
CA ALA B 62 21.12 4.44 -34.62
C ALA B 62 21.17 4.94 -33.18
N TRP B 63 19.99 5.18 -32.62
CA TRP B 63 19.84 5.55 -31.20
C TRP B 63 18.91 4.57 -30.51
N GLN B 64 19.09 4.44 -29.19
CA GLN B 64 18.20 3.67 -28.33
C GLN B 64 17.45 4.66 -27.46
N VAL B 65 16.11 4.67 -27.57
CA VAL B 65 15.27 5.66 -26.90
C VAL B 65 14.07 4.96 -26.28
N ILE B 66 13.64 5.41 -25.10
CA ILE B 66 12.41 4.89 -24.52
C ILE B 66 11.20 5.30 -25.37
N ALA B 67 10.33 4.34 -25.67
CA ALA B 67 9.11 4.62 -26.42
C ALA B 67 8.05 5.28 -25.54
N GLY B 68 7.43 6.36 -26.03
CA GLY B 68 6.37 6.99 -25.28
C GLY B 68 4.98 6.43 -25.52
N SER B 69 4.87 5.51 -26.47
CA SER B 69 3.65 4.78 -26.81
C SER B 69 4.09 3.63 -27.68
N ASP B 70 3.14 2.79 -28.09
CA ASP B 70 3.51 1.58 -28.83
C ASP B 70 4.09 1.96 -30.20
N ILE B 71 5.20 1.31 -30.55
CA ILE B 71 5.91 1.60 -31.80
C ILE B 71 6.03 0.29 -32.59
N LYS B 72 5.68 0.35 -33.88
CA LYS B 72 5.82 -0.78 -34.78
C LYS B 72 7.06 -0.59 -35.65
N VAL B 73 7.64 -1.71 -36.08
CA VAL B 73 8.79 -1.63 -36.99
C VAL B 73 8.41 -0.78 -38.19
N GLY B 74 9.27 0.17 -38.55
CA GLY B 74 9.04 1.01 -39.70
C GLY B 74 8.30 2.31 -39.42
N ASP B 75 7.84 2.53 -38.19
CA ASP B 75 7.18 3.79 -37.84
C ASP B 75 8.17 4.94 -37.91
N ASN B 76 7.71 6.07 -38.45
CA ASN B 76 8.47 7.31 -38.34
C ASN B 76 8.25 7.93 -36.96
N LEU B 77 9.31 8.47 -36.39
CA LEU B 77 9.31 8.85 -34.99
C LEU B 77 9.62 10.33 -34.80
N THR B 78 8.99 10.91 -33.78
CA THR B 78 9.32 12.24 -33.29
C THR B 78 9.39 12.20 -31.76
N THR B 79 9.67 13.34 -31.16
CA THR B 79 9.76 13.42 -29.71
C THR B 79 8.36 13.42 -29.10
N GLY B 80 8.15 12.57 -28.10
CA GLY B 80 6.93 12.53 -27.33
C GLY B 80 7.06 13.28 -26.02
N LYS B 81 6.27 12.87 -25.03
CA LYS B 81 6.38 13.46 -23.70
C LYS B 81 7.61 12.93 -22.98
N ASP B 82 8.21 13.80 -22.15
CA ASP B 82 9.35 13.44 -21.29
C ASP B 82 10.55 12.89 -22.07
N GLY B 83 10.78 13.42 -23.27
CA GLY B 83 11.92 12.98 -24.05
C GLY B 83 11.80 11.60 -24.66
N THR B 84 10.61 11.01 -24.68
CA THR B 84 10.46 9.71 -25.30
C THR B 84 10.32 9.86 -26.81
N ALA B 85 10.36 8.73 -27.50
CA ALA B 85 10.10 8.64 -28.93
C ALA B 85 8.70 8.08 -29.18
N VAL B 86 7.99 8.69 -30.14
CA VAL B 86 6.63 8.24 -30.45
C VAL B 86 6.40 8.35 -31.95
N PRO B 87 5.48 7.54 -32.48
CA PRO B 87 5.15 7.65 -33.90
C PRO B 87 4.53 8.99 -34.22
N THR B 88 4.85 9.50 -35.42
CA THR B 88 4.20 10.67 -35.97
C THR B 88 4.05 10.47 -37.47
N ASP B 89 3.20 11.31 -38.07
CA ASP B 89 3.18 11.41 -39.52
C ASP B 89 3.39 12.83 -40.03
N ASP B 90 3.72 13.77 -39.15
CA ASP B 90 4.10 15.10 -39.60
C ASP B 90 5.52 15.00 -40.14
N PRO B 91 5.73 15.23 -41.44
CA PRO B 91 7.09 15.09 -41.99
C PRO B 91 8.10 16.02 -41.36
N SER B 92 7.69 17.22 -40.97
CA SER B 92 8.64 18.21 -40.49
C SER B 92 9.10 17.96 -39.06
N THR B 93 8.57 16.95 -38.37
CA THR B 93 9.03 16.63 -37.03
C THR B 93 9.63 15.23 -36.93
N VAL B 94 9.74 14.50 -38.03
CA VAL B 94 10.37 13.18 -38.00
C VAL B 94 11.89 13.34 -37.86
N PHE B 95 12.50 12.55 -36.98
CA PHE B 95 13.96 12.50 -36.89
C PHE B 95 14.51 11.10 -37.07
N GLY B 96 13.67 10.10 -37.32
CA GLY B 96 14.17 8.76 -37.55
C GLY B 96 13.03 7.78 -37.70
N TYR B 97 13.39 6.52 -37.88
CA TYR B 97 12.38 5.47 -38.02
C TYR B 97 12.79 4.26 -37.20
N ALA B 98 11.78 3.56 -36.66
CA ALA B 98 12.04 2.39 -35.84
C ALA B 98 12.45 1.21 -36.69
N VAL B 99 13.49 0.51 -36.26
CA VAL B 99 13.84 -0.78 -36.86
C VAL B 99 13.61 -1.92 -35.91
N GLU B 100 13.06 -1.65 -34.73
CA GLU B 100 12.61 -2.66 -33.79
C GLU B 100 11.25 -2.25 -33.25
N GLU B 101 10.47 -3.24 -32.81
CA GLU B 101 9.18 -3.01 -32.20
C GLU B 101 9.36 -2.68 -30.72
N ALA B 102 8.52 -1.79 -30.19
CA ALA B 102 8.63 -1.43 -28.78
C ALA B 102 7.28 -1.03 -28.22
N GLN B 103 6.84 -1.70 -27.16
CA GLN B 103 5.70 -1.23 -26.39
C GLN B 103 6.10 0.01 -25.58
N GLU B 104 5.11 0.78 -25.16
CA GLU B 104 5.37 1.97 -24.37
C GLU B 104 6.24 1.63 -23.18
N GLY B 105 7.27 2.45 -22.94
CA GLY B 105 8.21 2.21 -21.88
C GLY B 105 9.36 1.29 -22.21
N GLN B 106 9.32 0.60 -23.35
CA GLN B 106 10.45 -0.22 -23.76
C GLN B 106 11.41 0.61 -24.64
N LEU B 107 12.64 0.11 -24.74
CA LEU B 107 13.66 0.75 -25.55
C LEU B 107 13.42 0.43 -27.03
N VAL B 108 13.31 1.46 -27.86
CA VAL B 108 13.22 1.30 -29.31
C VAL B 108 14.58 1.62 -29.92
N THR B 109 14.97 0.88 -30.95
CA THR B 109 16.14 1.23 -31.74
C THR B 109 15.66 1.91 -33.02
N LEU B 110 16.17 3.11 -33.26
CA LEU B 110 15.74 3.92 -34.40
C LEU B 110 16.96 4.32 -35.22
N VAL B 111 16.77 4.40 -36.52
CA VAL B 111 17.77 4.93 -37.44
C VAL B 111 17.50 6.42 -37.59
N ILE B 112 18.51 7.26 -37.35
CA ILE B 112 18.36 8.70 -37.51
C ILE B 112 18.20 9.05 -38.98
N SER B 113 17.17 9.82 -39.27
CA SER B 113 16.84 10.15 -40.65
C SER B 113 15.79 11.26 -40.66
N ARG B 114 16.04 12.33 -41.40
CA ARG B 114 15.03 13.37 -41.53
C ARG B 114 13.96 13.04 -42.56
N SER B 115 14.08 11.92 -43.28
CA SER B 115 13.12 11.55 -44.31
C SER B 115 12.25 10.39 -43.83
N LYS B 116 10.95 10.51 -44.08
CA LYS B 116 10.00 9.49 -43.64
C LYS B 116 10.19 8.19 -44.42
N LEU B 117 9.80 7.09 -43.80
CA LEU B 117 9.81 5.78 -44.44
C LEU B 117 8.53 5.51 -45.22
N GLU B 118 8.69 4.74 -46.30
CA GLU B 118 7.63 4.38 -47.22
C GLU B 118 6.96 5.63 -47.78
N MET C 1 -11.85 -1.84 22.53
CA MET C 1 -11.52 -3.26 22.47
C MET C 1 -12.09 -3.88 21.21
N MET C 2 -11.43 -4.93 20.72
CA MET C 2 -11.98 -5.69 19.61
C MET C 2 -13.23 -6.43 20.08
N VAL C 3 -14.03 -6.87 19.11
CA VAL C 3 -15.22 -7.65 19.40
C VAL C 3 -15.25 -8.82 18.42
N SER C 4 -15.74 -9.95 18.91
CA SER C 4 -15.92 -11.15 18.12
C SER C 4 -17.38 -11.55 18.20
N PHE C 5 -18.02 -11.79 17.05
CA PHE C 5 -19.40 -12.23 17.07
C PHE C 5 -19.63 -13.17 15.90
N THR C 6 -20.70 -13.96 16.00
CA THR C 6 -21.05 -14.94 14.98
C THR C 6 -22.12 -14.35 14.08
N ALA C 7 -21.83 -14.30 12.79
CA ALA C 7 -22.73 -13.72 11.80
C ALA C 7 -23.18 -14.78 10.79
N ARG C 8 -24.24 -14.47 10.04
CA ARG C 8 -24.70 -15.34 8.97
C ARG C 8 -24.53 -14.63 7.63
N ALA C 9 -23.92 -15.34 6.68
CA ALA C 9 -23.80 -14.79 5.34
C ALA C 9 -25.15 -14.83 4.64
N LYS C 10 -25.62 -13.66 4.23
CA LYS C 10 -26.85 -13.52 3.46
C LYS C 10 -26.63 -13.84 1.99
N SER C 11 -25.40 -13.71 1.52
CA SER C 11 -25.01 -14.03 0.15
C SER C 11 -23.57 -14.52 0.20
N ASN C 12 -23.09 -15.09 -0.90
CA ASN C 12 -21.69 -15.52 -0.97
C ASN C 12 -20.77 -14.33 -0.77
N VAL C 13 -19.75 -14.53 0.06
CA VAL C 13 -18.81 -13.48 0.43
C VAL C 13 -17.40 -14.00 0.14
N MET C 14 -16.53 -13.13 -0.39
CA MET C 14 -15.17 -13.52 -0.73
C MET C 14 -14.16 -12.75 0.11
N ALA C 15 -12.99 -13.36 0.31
CA ALA C 15 -11.95 -12.75 1.12
C ALA C 15 -11.57 -11.37 0.59
N TYR C 16 -11.41 -10.42 1.53
CA TYR C 16 -10.88 -9.08 1.27
C TYR C 16 -11.82 -8.23 0.41
N ARG C 17 -13.11 -8.55 0.46
CA ARG C 17 -14.17 -7.76 -0.15
C ARG C 17 -14.89 -6.95 0.93
N LEU C 18 -15.40 -5.78 0.52
CA LEU C 18 -16.13 -4.92 1.44
C LEU C 18 -17.46 -5.56 1.85
N LEU C 19 -17.79 -5.43 3.12
CA LEU C 19 -18.97 -6.05 3.71
C LEU C 19 -19.97 -4.98 4.17
N ALA C 20 -21.25 -5.28 3.99
CA ALA C 20 -22.33 -4.57 4.65
C ALA C 20 -22.96 -5.49 5.70
N TYR C 21 -23.28 -4.91 6.85
CA TYR C 21 -23.97 -5.60 7.92
C TYR C 21 -25.45 -5.26 7.87
N SER C 22 -26.30 -6.24 8.13
CA SER C 22 -27.72 -5.97 8.29
C SER C 22 -28.25 -6.78 9.46
N GLN C 23 -29.39 -6.34 9.98
CA GLN C 23 -30.02 -7.04 11.09
C GLN C 23 -30.82 -8.22 10.56
N GLY C 24 -30.44 -9.42 10.98
CA GLY C 24 -31.23 -10.62 10.74
C GLY C 24 -32.03 -11.01 11.96
N ASP C 25 -32.44 -12.27 12.00
CA ASP C 25 -33.23 -12.80 13.10
C ASP C 25 -32.31 -13.04 14.30
N ASP C 26 -32.18 -11.99 15.13
CA ASP C 26 -31.29 -12.00 16.30
C ASP C 26 -29.88 -12.43 15.92
N ILE C 27 -29.40 -11.92 14.79
CA ILE C 27 -28.05 -12.20 14.34
C ILE C 27 -27.69 -11.14 13.32
N ILE C 28 -26.42 -10.80 13.24
CA ILE C 28 -25.95 -9.93 12.20
C ILE C 28 -25.81 -10.74 10.92
N GLU C 29 -26.30 -10.20 9.81
CA GLU C 29 -26.10 -10.82 8.50
C GLU C 29 -25.09 -10.00 7.70
N ILE C 30 -24.27 -10.71 6.93
CA ILE C 30 -23.23 -10.03 6.15
C ILE C 30 -23.43 -10.37 4.69
N SER C 31 -22.94 -9.47 3.84
CA SER C 31 -22.97 -9.62 2.39
C SER C 31 -22.03 -8.56 1.83
N HIS C 32 -21.70 -8.70 0.55
CA HIS C 32 -20.85 -7.67 -0.06
C HIS C 32 -21.58 -6.32 0.00
N ALA C 33 -20.85 -5.28 0.39
CA ALA C 33 -21.41 -3.94 0.33
C ALA C 33 -21.83 -3.63 -1.11
N ALA C 34 -22.96 -2.93 -1.25
CA ALA C 34 -23.46 -2.55 -2.57
C ALA C 34 -22.65 -1.40 -3.14
N GLU C 35 -22.59 -1.35 -4.46
CA GLU C 35 -21.86 -0.32 -5.18
C GLU C 35 -22.25 1.08 -4.70
N ASN C 36 -21.24 1.92 -4.49
CA ASN C 36 -21.39 3.32 -4.07
C ASN C 36 -21.98 3.47 -2.67
N THR C 37 -21.86 2.44 -1.82
CA THR C 37 -22.29 2.56 -0.43
C THR C 37 -21.07 2.56 0.49
N ILE C 38 -21.31 2.96 1.74
CA ILE C 38 -20.26 3.00 2.76
C ILE C 38 -20.23 1.62 3.42
N PRO C 39 -19.14 0.86 3.30
CA PRO C 39 -19.11 -0.46 3.93
C PRO C 39 -18.95 -0.37 5.44
N ASP C 40 -19.30 -1.48 6.09
CA ASP C 40 -19.16 -1.62 7.53
C ASP C 40 -17.86 -2.31 7.93
N TYR C 41 -17.37 -3.25 7.13
CA TYR C 41 -16.13 -3.95 7.45
C TYR C 41 -15.61 -4.63 6.18
N VAL C 42 -14.64 -5.52 6.35
CA VAL C 42 -14.01 -6.24 5.24
C VAL C 42 -13.89 -7.71 5.63
N ALA C 43 -14.20 -8.58 4.68
CA ALA C 43 -14.07 -10.02 4.93
C ALA C 43 -12.60 -10.42 4.91
N VAL C 44 -12.26 -11.41 5.74
CA VAL C 44 -10.94 -11.99 5.74
C VAL C 44 -10.92 -13.40 5.20
N LYS C 45 -12.09 -13.95 4.85
CA LYS C 45 -12.15 -15.31 4.33
C LYS C 45 -13.44 -15.43 3.52
N ASP C 46 -13.46 -16.41 2.61
CA ASP C 46 -14.68 -16.76 1.88
C ASP C 46 -15.71 -17.34 2.83
N VAL C 47 -16.99 -16.95 2.66
CA VAL C 47 -18.11 -17.51 3.42
C VAL C 47 -19.25 -17.80 2.46
N ASP C 48 -19.75 -19.04 2.49
CA ASP C 48 -20.85 -19.42 1.61
C ASP C 48 -22.18 -18.88 2.13
N LYS C 49 -23.07 -18.54 1.20
CA LYS C 49 -24.42 -18.13 1.55
C LYS C 49 -25.06 -19.13 2.52
N GLY C 50 -25.63 -18.59 3.60
CA GLY C 50 -26.31 -19.40 4.59
C GLY C 50 -25.46 -19.86 5.77
N ASP C 51 -24.14 -19.81 5.64
CA ASP C 51 -23.25 -20.33 6.67
C ASP C 51 -23.02 -19.32 7.79
N LEU C 52 -22.82 -19.84 8.99
CA LEU C 52 -22.42 -19.00 10.10
C LEU C 52 -20.91 -18.81 10.05
N THR C 53 -20.45 -17.63 10.46
CA THR C 53 -19.03 -17.35 10.43
C THR C 53 -18.68 -16.47 11.62
N GLN C 54 -17.43 -16.58 12.08
N GLN C 54 -17.44 -16.62 12.08
CA GLN C 54 -16.95 -15.80 13.21
CA GLN C 54 -16.90 -15.80 13.14
C GLN C 54 -16.27 -14.53 12.70
C GLN C 54 -16.35 -14.51 12.54
N VAL C 55 -16.86 -13.37 13.00
CA VAL C 55 -16.32 -12.07 12.60
C VAL C 55 -15.50 -11.52 13.77
N ASN C 56 -14.29 -11.09 13.49
CA ASN C 56 -13.43 -10.45 14.49
C ASN C 56 -13.15 -9.03 14.01
N MET C 57 -13.67 -8.05 14.72
CA MET C 57 -13.50 -6.66 14.34
C MET C 57 -12.49 -6.01 15.27
N TYR C 58 -11.41 -5.51 14.69
CA TYR C 58 -10.30 -4.89 15.38
C TYR C 58 -10.37 -3.38 15.22
N PRO C 59 -9.77 -2.62 16.15
CA PRO C 59 -9.69 -1.17 15.97
C PRO C 59 -8.70 -0.80 14.89
N LEU C 60 -9.19 -0.55 13.68
CA LEU C 60 -8.34 -0.31 12.51
C LEU C 60 -8.65 1.05 11.95
N ALA C 61 -7.62 1.81 11.61
CA ALA C 61 -7.83 3.05 10.88
C ALA C 61 -7.55 2.88 9.40
N ALA C 62 -7.01 1.73 9.01
CA ALA C 62 -6.71 1.39 7.62
C ALA C 62 -7.21 -0.01 7.34
N TRP C 63 -7.59 -0.25 6.08
CA TRP C 63 -8.09 -1.54 5.60
C TRP C 63 -7.28 -2.00 4.40
N GLN C 64 -7.28 -3.31 4.17
CA GLN C 64 -6.79 -3.92 2.93
C GLN C 64 -7.97 -4.54 2.19
N VAL C 65 -8.15 -4.16 0.91
CA VAL C 65 -9.36 -4.50 0.15
C VAL C 65 -8.97 -4.81 -1.31
N ILE C 66 -9.70 -5.73 -1.95
CA ILE C 66 -9.46 -5.99 -3.37
C ILE C 66 -9.80 -4.74 -4.18
N ALA C 67 -8.91 -4.38 -5.10
CA ALA C 67 -9.15 -3.28 -6.02
C ALA C 67 -10.08 -3.73 -7.15
N GLY C 68 -11.12 -2.94 -7.42
CA GLY C 68 -11.99 -3.23 -8.56
C GLY C 68 -11.48 -2.72 -9.88
N SER C 69 -10.57 -1.75 -9.86
CA SER C 69 -9.88 -1.23 -11.03
C SER C 69 -8.57 -0.63 -10.55
N ASP C 70 -7.73 -0.23 -11.49
CA ASP C 70 -6.42 0.34 -11.14
C ASP C 70 -6.57 1.51 -10.15
N ILE C 71 -5.76 1.47 -9.10
CA ILE C 71 -5.83 2.44 -8.02
C ILE C 71 -4.43 3.02 -7.80
N LYS C 72 -4.34 4.34 -7.75
CA LYS C 72 -3.09 5.05 -7.47
C LYS C 72 -3.15 5.68 -6.08
N VAL C 73 -1.96 5.93 -5.51
CA VAL C 73 -1.88 6.55 -4.18
C VAL C 73 -2.67 7.84 -4.18
N GLY C 74 -3.51 8.02 -3.15
CA GLY C 74 -4.28 9.22 -3.01
C GLY C 74 -5.67 9.18 -3.62
N ASP C 75 -5.98 8.16 -4.43
CA ASP C 75 -7.33 8.00 -4.96
C ASP C 75 -8.35 7.91 -3.83
N ASN C 76 -9.41 8.69 -3.92
CA ASN C 76 -10.55 8.52 -3.03
C ASN C 76 -11.42 7.36 -3.51
N LEU C 77 -11.83 6.50 -2.57
CA LEU C 77 -12.40 5.20 -2.88
C LEU C 77 -13.86 5.09 -2.44
N THR C 78 -14.65 4.41 -3.26
CA THR C 78 -15.99 3.96 -2.89
C THR C 78 -16.12 2.48 -3.23
N THR C 79 -17.27 1.92 -2.91
CA THR C 79 -17.55 0.52 -3.23
C THR C 79 -17.85 0.34 -4.71
N GLY C 80 -17.13 -0.58 -5.35
CA GLY C 80 -17.37 -0.96 -6.72
C GLY C 80 -18.27 -2.17 -6.81
N LYS C 81 -18.02 -3.00 -7.83
CA LYS C 81 -18.80 -4.21 -8.00
C LYS C 81 -18.22 -5.35 -7.17
N ASP C 82 -19.11 -6.26 -6.76
CA ASP C 82 -18.74 -7.47 -6.01
C ASP C 82 -17.87 -7.16 -4.78
N GLY C 83 -18.14 -6.04 -4.14
CA GLY C 83 -17.46 -5.70 -2.90
C GLY C 83 -16.05 -5.18 -3.05
N THR C 84 -15.67 -4.75 -4.25
CA THR C 84 -14.33 -4.22 -4.46
C THR C 84 -14.32 -2.71 -4.21
N ALA C 85 -13.11 -2.16 -4.10
CA ALA C 85 -12.87 -0.73 -3.94
C ALA C 85 -12.45 -0.12 -5.28
N VAL C 86 -13.06 1.02 -5.63
CA VAL C 86 -12.74 1.70 -6.89
C VAL C 86 -12.58 3.19 -6.61
N PRO C 87 -11.81 3.89 -7.45
CA PRO C 87 -11.74 5.35 -7.33
C PRO C 87 -13.10 5.99 -7.61
N THR C 88 -13.32 7.14 -6.98
CA THR C 88 -14.55 7.89 -7.22
C THR C 88 -14.27 9.39 -7.04
N ASP C 89 -15.11 10.19 -7.66
CA ASP C 89 -15.10 11.63 -7.45
C ASP C 89 -16.28 12.12 -6.62
N ASP C 90 -17.26 11.26 -6.34
CA ASP C 90 -18.44 11.66 -5.60
C ASP C 90 -18.13 11.71 -4.11
N PRO C 91 -18.11 12.89 -3.50
CA PRO C 91 -17.80 12.96 -2.07
C PRO C 91 -18.79 12.23 -1.18
N SER C 92 -20.05 12.12 -1.59
CA SER C 92 -21.04 11.43 -0.76
C SER C 92 -20.78 9.93 -0.66
N THR C 93 -19.98 9.36 -1.56
CA THR C 93 -19.78 7.93 -1.60
C THR C 93 -18.41 7.50 -1.12
N VAL C 94 -17.52 8.44 -0.79
CA VAL C 94 -16.16 8.09 -0.37
C VAL C 94 -16.19 7.45 1.02
N PHE C 95 -15.46 6.35 1.18
CA PHE C 95 -15.26 5.78 2.51
C PHE C 95 -13.79 5.74 2.93
N GLY C 96 -12.86 6.07 2.04
CA GLY C 96 -11.46 6.16 2.40
C GLY C 96 -10.65 6.58 1.19
N TYR C 97 -9.33 6.58 1.36
CA TYR C 97 -8.45 6.94 0.25
C TYR C 97 -7.22 6.03 0.27
N ALA C 98 -6.71 5.75 -0.92
CA ALA C 98 -5.62 4.80 -1.09
C ALA C 98 -4.30 5.36 -0.58
N VAL C 99 -3.54 4.52 0.13
CA VAL C 99 -2.20 4.89 0.55
C VAL C 99 -1.15 4.01 -0.08
N GLU C 100 -1.55 3.05 -0.92
CA GLU C 100 -0.67 2.32 -1.82
C GLU C 100 -1.34 2.21 -3.18
N GLU C 101 -0.54 1.87 -4.19
CA GLU C 101 -1.07 1.57 -5.51
C GLU C 101 -1.56 0.14 -5.59
N ALA C 102 -2.50 -0.11 -6.50
CA ALA C 102 -2.91 -1.48 -6.75
C ALA C 102 -3.51 -1.59 -8.13
N GLN C 103 -3.07 -2.58 -8.88
CA GLN C 103 -3.78 -2.92 -10.10
C GLN C 103 -5.11 -3.58 -9.75
N GLU C 104 -6.03 -3.55 -10.71
CA GLU C 104 -7.29 -4.24 -10.54
C GLU C 104 -7.06 -5.68 -10.12
N GLY C 105 -7.76 -6.11 -9.07
CA GLY C 105 -7.65 -7.46 -8.57
C GLY C 105 -6.62 -7.67 -7.48
N GLN C 106 -5.70 -6.73 -7.30
CA GLN C 106 -4.75 -6.82 -6.20
C GLN C 106 -5.30 -6.14 -4.95
N LEU C 107 -4.59 -6.33 -3.84
CA LEU C 107 -4.98 -5.73 -2.58
C LEU C 107 -4.46 -4.30 -2.51
N VAL C 108 -5.34 -3.36 -2.19
CA VAL C 108 -4.94 -1.99 -1.92
C VAL C 108 -5.12 -1.72 -0.43
N THR C 109 -4.23 -0.90 0.12
CA THR C 109 -4.37 -0.43 1.50
C THR C 109 -4.93 0.98 1.47
N LEU C 110 -5.93 1.25 2.31
CA LEU C 110 -6.59 2.53 2.33
C LEU C 110 -6.74 3.01 3.77
N VAL C 111 -6.76 4.33 3.96
CA VAL C 111 -7.11 4.93 5.25
C VAL C 111 -8.59 5.26 5.25
N ILE C 112 -9.29 4.86 6.31
CA ILE C 112 -10.73 5.07 6.43
C ILE C 112 -11.02 6.55 6.64
N SER C 113 -11.99 7.08 5.90
CA SER C 113 -12.24 8.51 5.88
C SER C 113 -13.47 8.83 5.07
N ARG C 114 -14.44 9.52 5.68
CA ARG C 114 -15.58 10.04 4.93
C ARG C 114 -15.22 11.29 4.13
N SER C 115 -14.03 11.85 4.32
CA SER C 115 -13.56 13.01 3.58
C SER C 115 -12.49 12.58 2.60
N LYS C 116 -12.48 13.18 1.42
CA LYS C 116 -11.40 12.96 0.47
C LYS C 116 -10.07 13.40 1.06
N LEU C 117 -8.98 12.75 0.62
CA LEU C 117 -7.66 13.26 0.95
C LEU C 117 -7.53 14.68 0.42
N GLU C 118 -7.05 15.58 1.29
CA GLU C 118 -6.95 17.02 1.01
C GLU C 118 -8.34 17.65 0.88
N MET D 1 -3.59 -11.97 -14.08
CA MET D 1 -3.19 -11.13 -12.96
C MET D 1 -1.67 -10.96 -12.91
N MET D 2 -1.24 -9.87 -12.26
CA MET D 2 0.15 -9.65 -11.87
C MET D 2 0.22 -9.44 -10.37
N VAL D 3 1.18 -10.10 -9.72
CA VAL D 3 1.52 -9.85 -8.32
C VAL D 3 2.73 -8.93 -8.30
N SER D 4 2.52 -7.71 -7.80
CA SER D 4 3.56 -6.69 -7.73
C SER D 4 3.99 -6.45 -6.29
N PHE D 5 5.12 -5.77 -6.14
CA PHE D 5 5.51 -5.30 -4.82
C PHE D 5 6.24 -3.98 -4.95
N THR D 6 6.16 -3.17 -3.89
CA THR D 6 6.86 -1.90 -3.84
C THR D 6 8.29 -2.09 -3.37
N ALA D 7 9.24 -1.47 -4.05
CA ALA D 7 10.63 -1.50 -3.63
C ALA D 7 11.15 -0.09 -3.56
N ARG D 8 12.14 0.13 -2.71
CA ARG D 8 12.80 1.43 -2.63
C ARG D 8 14.19 1.30 -3.22
N ALA D 9 14.55 2.23 -4.11
CA ALA D 9 15.88 2.22 -4.71
C ALA D 9 16.89 2.66 -3.66
N LYS D 10 17.80 1.77 -3.27
CA LYS D 10 18.81 2.18 -2.31
C LYS D 10 19.89 3.03 -2.95
N SER D 11 19.99 2.97 -4.28
N SER D 11 19.97 2.99 -4.29
CA SER D 11 20.88 3.83 -5.06
CA SER D 11 20.87 3.85 -5.05
C SER D 11 20.21 4.10 -6.40
C SER D 11 20.24 4.07 -6.42
N ASN D 12 20.76 5.05 -7.16
CA ASN D 12 20.22 5.37 -8.47
C ASN D 12 20.18 4.12 -9.33
N VAL D 13 19.05 3.88 -9.98
CA VAL D 13 18.83 2.71 -10.82
C VAL D 13 18.48 3.18 -12.23
N MET D 14 19.08 2.55 -13.23
CA MET D 14 18.81 2.91 -14.62
C MET D 14 18.06 1.79 -15.32
N ALA D 15 17.15 2.17 -16.21
CA ALA D 15 16.41 1.18 -16.97
C ALA D 15 17.39 0.26 -17.69
N TYR D 16 17.00 -1.02 -17.80
CA TYR D 16 17.73 -2.04 -18.56
C TYR D 16 19.10 -2.35 -17.96
N ARG D 17 19.27 -2.11 -16.66
CA ARG D 17 20.42 -2.56 -15.90
C ARG D 17 19.99 -3.67 -14.94
N LEU D 18 20.96 -4.51 -14.56
CA LEU D 18 20.68 -5.66 -13.72
C LEU D 18 20.46 -5.23 -12.28
N LEU D 19 19.50 -5.86 -11.63
CA LEU D 19 19.11 -5.51 -10.27
C LEU D 19 19.39 -6.65 -9.30
N ALA D 20 19.71 -6.27 -8.06
CA ALA D 20 19.72 -7.14 -6.89
C ALA D 20 18.69 -6.65 -5.90
N TYR D 21 17.97 -7.59 -5.28
CA TYR D 21 17.09 -7.27 -4.18
C TYR D 21 17.85 -7.41 -2.87
N SER D 22 17.50 -6.56 -1.91
CA SER D 22 18.15 -6.67 -0.60
C SER D 22 17.18 -6.17 0.47
N GLN D 23 17.47 -6.56 1.70
CA GLN D 23 16.64 -6.16 2.83
C GLN D 23 16.97 -4.73 3.19
N GLY D 24 15.97 -3.85 3.17
CA GLY D 24 16.15 -2.48 3.58
C GLY D 24 15.86 -2.29 5.05
N ASP D 25 16.11 -1.05 5.52
CA ASP D 25 15.75 -0.68 6.87
C ASP D 25 14.26 -0.87 7.14
N ASP D 26 13.45 -0.81 6.08
CA ASP D 26 12.00 -0.88 6.19
C ASP D 26 11.41 -1.90 5.22
N ILE D 27 11.63 -1.69 3.92
CA ILE D 27 11.02 -2.51 2.88
C ILE D 27 12.11 -3.11 2.00
N ILE D 28 11.73 -3.93 1.02
CA ILE D 28 12.70 -4.50 0.10
C ILE D 28 13.30 -3.38 -0.74
N GLU D 29 14.59 -3.48 -1.02
CA GLU D 29 15.25 -2.45 -1.79
C GLU D 29 15.88 -3.05 -3.03
N ILE D 30 16.05 -2.21 -4.05
CA ILE D 30 16.71 -2.59 -5.30
C ILE D 30 17.91 -1.69 -5.50
N SER D 31 18.87 -2.21 -6.26
CA SER D 31 20.04 -1.46 -6.70
C SER D 31 20.62 -2.24 -7.86
N HIS D 32 21.56 -1.62 -8.57
CA HIS D 32 22.28 -2.36 -9.60
C HIS D 32 22.99 -3.53 -8.95
N ALA D 33 22.84 -4.73 -9.53
CA ALA D 33 23.57 -5.90 -9.06
C ALA D 33 25.08 -5.63 -9.08
N ALA D 34 25.80 -6.20 -8.13
CA ALA D 34 27.23 -5.94 -8.05
C ALA D 34 27.97 -6.69 -9.14
N GLU D 35 29.15 -6.18 -9.53
CA GLU D 35 29.98 -6.86 -10.50
C GLU D 35 30.20 -8.31 -10.08
N ASN D 36 30.13 -9.22 -11.05
CA ASN D 36 30.46 -10.63 -10.88
C ASN D 36 29.50 -11.38 -9.95
N THR D 37 28.32 -10.84 -9.72
CA THR D 37 27.29 -11.52 -8.94
C THR D 37 26.14 -11.95 -9.85
N ILE D 38 25.31 -12.84 -9.36
CA ILE D 38 24.15 -13.33 -10.11
C ILE D 38 23.00 -12.36 -9.84
N PRO D 39 22.45 -11.71 -10.85
CA PRO D 39 21.39 -10.74 -10.61
C PRO D 39 20.06 -11.42 -10.34
N ASP D 40 19.16 -10.64 -9.73
CA ASP D 40 17.80 -11.08 -9.44
C ASP D 40 16.81 -10.70 -10.54
N TYR D 41 16.98 -9.55 -11.18
CA TYR D 41 16.02 -9.10 -12.19
C TYR D 41 16.68 -7.95 -12.97
N VAL D 42 15.86 -7.21 -13.73
CA VAL D 42 16.29 -6.14 -14.61
C VAL D 42 15.34 -4.97 -14.41
N ALA D 43 15.88 -3.75 -14.37
CA ALA D 43 15.03 -2.58 -14.24
C ALA D 43 14.29 -2.29 -15.54
N VAL D 44 13.02 -1.88 -15.40
CA VAL D 44 12.26 -1.42 -16.55
C VAL D 44 12.21 0.11 -16.65
N LYS D 45 12.56 0.82 -15.59
CA LYS D 45 12.59 2.28 -15.63
C LYS D 45 13.70 2.78 -14.71
N ASP D 46 14.07 4.05 -14.89
CA ASP D 46 14.98 4.67 -13.95
C ASP D 46 14.27 4.87 -12.63
N VAL D 47 14.97 4.66 -11.52
CA VAL D 47 14.45 4.95 -10.19
C VAL D 47 15.55 5.67 -9.41
N ASP D 48 15.31 6.93 -9.05
CA ASP D 48 16.27 7.70 -8.28
C ASP D 48 16.40 7.13 -6.86
N LYS D 49 17.59 7.29 -6.28
CA LYS D 49 17.84 6.83 -4.93
C LYS D 49 16.78 7.39 -3.97
N GLY D 50 16.21 6.51 -3.15
CA GLY D 50 15.20 6.90 -2.20
C GLY D 50 13.79 6.91 -2.73
N ASP D 51 13.60 6.75 -4.04
CA ASP D 51 12.25 6.71 -4.59
C ASP D 51 11.72 5.30 -4.62
N LEU D 52 10.40 5.19 -4.84
CA LEU D 52 9.66 3.94 -4.78
C LEU D 52 9.24 3.51 -6.19
N THR D 53 9.15 2.20 -6.41
CA THR D 53 8.66 1.70 -7.69
C THR D 53 7.88 0.42 -7.46
N GLN D 54 6.90 0.17 -8.33
CA GLN D 54 6.19 -1.10 -8.35
C GLN D 54 6.99 -2.07 -9.21
N VAL D 55 7.48 -3.14 -8.60
CA VAL D 55 8.23 -4.17 -9.33
C VAL D 55 7.20 -5.17 -9.86
N ASN D 56 7.17 -5.40 -11.17
CA ASN D 56 6.21 -6.31 -11.78
C ASN D 56 7.02 -7.43 -12.42
N MET D 57 7.38 -8.42 -11.62
CA MET D 57 8.36 -9.43 -12.04
C MET D 57 7.68 -10.54 -12.82
N TYR D 58 8.21 -10.83 -14.01
CA TYR D 58 7.80 -11.90 -14.89
C TYR D 58 8.79 -13.06 -14.85
N PRO D 59 8.30 -14.30 -14.92
CA PRO D 59 9.21 -15.44 -15.13
C PRO D 59 9.58 -15.51 -16.60
N LEU D 60 10.83 -15.15 -16.91
CA LEU D 60 11.32 -15.04 -18.27
C LEU D 60 12.44 -16.02 -18.52
N ALA D 61 12.50 -16.52 -19.76
CA ALA D 61 13.66 -17.28 -20.16
C ALA D 61 14.73 -16.42 -20.84
N ALA D 62 14.39 -15.18 -21.19
CA ALA D 62 15.35 -14.29 -21.84
C ALA D 62 15.18 -12.88 -21.29
N TRP D 63 16.30 -12.18 -21.11
CA TRP D 63 16.36 -10.82 -20.63
C TRP D 63 17.02 -9.93 -21.67
N GLN D 64 16.77 -8.63 -21.60
CA GLN D 64 17.51 -7.66 -22.39
C GLN D 64 18.18 -6.68 -21.45
N VAL D 65 19.49 -6.52 -21.60
CA VAL D 65 20.34 -5.77 -20.67
C VAL D 65 21.30 -4.92 -21.48
N ILE D 66 21.66 -3.75 -20.95
CA ILE D 66 22.69 -2.95 -21.61
C ILE D 66 24.06 -3.65 -21.47
N ALA D 67 24.75 -3.79 -22.61
CA ALA D 67 26.06 -4.42 -22.62
C ALA D 67 27.11 -3.49 -22.03
N GLY D 68 27.96 -4.03 -21.14
CA GLY D 68 29.06 -3.28 -20.56
C GLY D 68 30.36 -3.31 -21.33
N SER D 69 30.45 -4.19 -22.32
CA SER D 69 31.59 -4.26 -23.22
C SER D 69 31.15 -5.08 -24.42
N ASP D 70 32.05 -5.30 -25.37
CA ASP D 70 31.65 -5.99 -26.58
C ASP D 70 31.25 -7.44 -26.25
N ILE D 71 30.17 -7.90 -26.87
CA ILE D 71 29.60 -9.21 -26.58
C ILE D 71 29.39 -9.95 -27.90
N LYS D 72 29.83 -11.20 -27.95
CA LYS D 72 29.62 -12.10 -29.09
C LYS D 72 28.50 -13.08 -28.78
N VAL D 73 27.80 -13.49 -29.84
CA VAL D 73 26.80 -14.54 -29.71
C VAL D 73 27.40 -15.77 -29.03
N GLY D 74 26.69 -16.28 -28.03
CA GLY D 74 27.17 -17.43 -27.27
C GLY D 74 28.03 -17.10 -26.08
N ASP D 75 28.43 -15.84 -25.89
CA ASP D 75 29.24 -15.47 -24.73
C ASP D 75 28.47 -15.75 -23.46
N ASN D 76 29.14 -16.37 -22.48
CA ASN D 76 28.55 -16.46 -21.16
C ASN D 76 28.72 -15.15 -20.42
N LEU D 77 27.64 -14.70 -19.77
CA LEU D 77 27.54 -13.35 -19.27
C LEU D 77 27.45 -13.33 -17.74
N THR D 78 28.07 -12.31 -17.14
CA THR D 78 27.90 -11.96 -15.74
C THR D 78 27.64 -10.47 -15.64
N THR D 79 27.50 -9.99 -14.41
CA THR D 79 27.29 -8.57 -14.18
C THR D 79 28.62 -7.82 -14.33
N GLY D 80 28.59 -6.73 -15.09
CA GLY D 80 29.71 -5.79 -15.22
C GLY D 80 29.53 -4.58 -14.34
N LYS D 81 30.10 -3.46 -14.77
CA LYS D 81 29.96 -2.20 -14.05
C LYS D 81 28.58 -1.60 -14.27
N ASP D 82 28.04 -0.95 -13.22
CA ASP D 82 26.78 -0.21 -13.30
C ASP D 82 25.63 -1.09 -13.78
N GLY D 83 25.60 -2.34 -13.32
CA GLY D 83 24.51 -3.23 -13.68
C GLY D 83 24.46 -3.63 -15.14
N THR D 84 25.56 -3.45 -15.87
CA THR D 84 25.61 -3.92 -17.25
C THR D 84 25.91 -5.43 -17.30
N ALA D 85 25.78 -6.00 -18.51
CA ALA D 85 26.17 -7.39 -18.74
C ALA D 85 27.49 -7.45 -19.51
N VAL D 86 28.39 -8.34 -19.09
CA VAL D 86 29.69 -8.51 -19.75
C VAL D 86 30.02 -9.99 -19.85
N PRO D 87 30.89 -10.36 -20.79
CA PRO D 87 31.38 -11.74 -20.84
C PRO D 87 32.24 -12.07 -19.63
N THR D 88 32.29 -13.35 -19.30
CA THR D 88 33.19 -13.82 -18.25
C THR D 88 33.64 -15.24 -18.54
N ASP D 89 34.80 -15.61 -17.99
CA ASP D 89 35.27 -16.98 -18.08
C ASP D 89 35.09 -17.74 -16.77
N ASP D 90 34.48 -17.12 -15.76
CA ASP D 90 34.27 -17.80 -14.49
C ASP D 90 32.87 -18.37 -14.47
N PRO D 91 32.71 -19.69 -14.56
CA PRO D 91 31.36 -20.27 -14.64
C PRO D 91 30.49 -19.94 -13.44
N SER D 92 31.09 -19.77 -12.26
CA SER D 92 30.31 -19.57 -11.05
C SER D 92 29.58 -18.23 -11.04
N THR D 93 29.94 -17.30 -11.92
CA THR D 93 29.31 -15.99 -11.98
C THR D 93 28.35 -15.84 -13.17
N VAL D 94 28.14 -16.89 -13.96
CA VAL D 94 27.34 -16.79 -15.18
C VAL D 94 25.86 -16.89 -14.86
N PHE D 95 25.06 -15.96 -15.38
CA PHE D 95 23.61 -16.08 -15.26
C PHE D 95 22.91 -16.30 -16.60
N GLY D 96 23.62 -16.23 -17.72
CA GLY D 96 22.99 -16.48 -19.00
C GLY D 96 24.01 -16.39 -20.10
N TYR D 97 23.54 -16.57 -21.34
CA TYR D 97 24.40 -16.42 -22.50
C TYR D 97 23.74 -15.53 -23.54
N ALA D 98 24.59 -14.79 -24.25
CA ALA D 98 24.12 -13.86 -25.26
C ALA D 98 23.56 -14.61 -26.48
N VAL D 99 22.41 -14.17 -26.98
CA VAL D 99 21.86 -14.70 -28.21
C VAL D 99 21.96 -13.70 -29.34
N GLU D 100 22.69 -12.60 -29.12
CA GLU D 100 22.92 -11.55 -30.10
C GLU D 100 24.31 -10.97 -29.89
N GLU D 101 24.89 -10.44 -30.96
CA GLU D 101 26.07 -9.60 -30.81
C GLU D 101 25.65 -8.24 -30.27
N ALA D 102 26.54 -7.62 -29.49
CA ALA D 102 26.27 -6.29 -28.94
C ALA D 102 27.58 -5.56 -28.69
N GLN D 103 27.64 -4.30 -29.11
CA GLN D 103 28.75 -3.45 -28.70
C GLN D 103 28.45 -2.84 -27.33
N GLU D 104 29.50 -2.36 -26.67
CA GLU D 104 29.36 -1.67 -25.39
C GLU D 104 28.32 -0.56 -25.46
N GLY D 105 27.33 -0.62 -24.55
CA GLY D 105 26.27 0.37 -24.54
C GLY D 105 25.02 -0.05 -25.31
N GLN D 106 25.11 -1.04 -26.18
CA GLN D 106 23.95 -1.57 -26.88
C GLN D 106 23.17 -2.52 -26.01
N LEU D 107 21.85 -2.52 -26.19
CA LEU D 107 21.03 -3.54 -25.57
C LEU D 107 21.43 -4.90 -26.13
N VAL D 108 21.58 -5.89 -25.25
CA VAL D 108 21.88 -7.25 -25.67
C VAL D 108 20.78 -8.17 -25.13
N THR D 109 20.39 -9.12 -25.93
CA THR D 109 19.41 -10.11 -25.51
C THR D 109 20.16 -11.36 -25.05
N LEU D 110 19.71 -11.95 -23.95
CA LEU D 110 20.42 -13.10 -23.40
C LEU D 110 19.42 -14.10 -22.87
N VAL D 111 19.82 -15.37 -22.84
CA VAL D 111 18.98 -16.45 -22.35
C VAL D 111 19.49 -16.87 -20.97
N ILE D 112 18.57 -16.92 -19.99
CA ILE D 112 18.89 -17.14 -18.59
C ILE D 112 19.17 -18.62 -18.32
N SER D 113 20.09 -18.88 -17.38
CA SER D 113 20.24 -20.24 -16.83
C SER D 113 19.16 -20.56 -15.78
N ARG D 114 18.86 -19.63 -14.88
CA ARG D 114 18.04 -19.90 -13.70
C ARG D 114 16.59 -19.44 -13.91
N SER D 115 15.91 -20.12 -14.82
CA SER D 115 14.48 -19.88 -15.06
C SER D 115 13.67 -21.07 -14.54
N LYS D 116 12.41 -21.16 -14.97
CA LYS D 116 11.59 -22.34 -14.71
C LYS D 116 12.12 -23.58 -15.41
N LEU D 117 13.14 -23.44 -16.25
CA LEU D 117 13.71 -24.54 -17.02
C LEU D 117 15.01 -25.08 -16.43
N GLU D 118 15.50 -24.49 -15.34
CA GLU D 118 16.77 -24.86 -14.67
C GLU D 118 17.20 -26.32 -14.83
N MET E 1 -4.60 -7.32 15.64
CA MET E 1 -4.20 -7.33 14.23
C MET E 1 -4.21 -5.90 13.67
N MET E 2 -3.13 -5.49 13.04
CA MET E 2 -2.94 -4.11 12.63
C MET E 2 -2.71 -4.05 11.13
N VAL E 3 -3.32 -3.07 10.49
CA VAL E 3 -3.12 -2.79 9.07
C VAL E 3 -2.21 -1.58 8.96
N SER E 4 -0.98 -1.82 8.51
CA SER E 4 0.06 -0.79 8.38
C SER E 4 0.26 -0.37 6.92
N PHE E 5 0.93 0.76 6.74
CA PHE E 5 1.34 1.15 5.40
C PHE E 5 2.66 1.90 5.48
N THR E 6 3.44 1.80 4.40
CA THR E 6 4.68 2.54 4.28
C THR E 6 4.39 3.99 3.90
N ALA E 7 5.15 4.91 4.50
CA ALA E 7 5.06 6.32 4.14
C ALA E 7 6.46 6.88 4.04
N ARG E 8 6.61 7.98 3.30
CA ARG E 8 7.90 8.64 3.17
C ARG E 8 7.79 10.07 3.68
N ALA E 9 8.77 10.52 4.46
CA ALA E 9 8.71 11.87 4.98
C ALA E 9 9.01 12.86 3.87
N LYS E 10 8.05 13.73 3.57
CA LYS E 10 8.23 14.81 2.60
C LYS E 10 9.27 15.81 3.10
N SER E 11 9.36 15.96 4.41
CA SER E 11 10.28 16.86 5.08
C SER E 11 10.49 16.29 6.48
N ASN E 12 11.46 16.84 7.22
CA ASN E 12 11.79 16.27 8.52
C ASN E 12 10.58 16.27 9.43
N VAL E 13 10.32 15.13 10.07
CA VAL E 13 9.19 14.93 10.96
C VAL E 13 9.73 14.61 12.35
N MET E 14 9.09 15.16 13.39
CA MET E 14 9.47 14.87 14.76
C MET E 14 8.37 14.10 15.48
N ALA E 15 8.79 13.22 16.39
CA ALA E 15 7.85 12.46 17.19
C ALA E 15 6.90 13.41 17.91
N TYR E 16 5.63 12.99 18.00
CA TYR E 16 4.56 13.66 18.73
C TYR E 16 4.19 15.02 18.14
N ARG E 17 4.42 15.18 16.84
CA ARG E 17 3.92 16.31 16.09
C ARG E 17 2.80 15.85 15.17
N LEU E 18 1.94 16.79 14.81
CA LEU E 18 0.79 16.51 13.99
C LEU E 18 1.24 16.32 12.55
N LEU E 19 0.63 15.35 11.87
CA LEU E 19 1.02 14.99 10.52
C LEU E 19 -0.11 15.24 9.55
N ALA E 20 0.28 15.54 8.30
CA ALA E 20 -0.62 15.54 7.15
C ALA E 20 -0.11 14.51 6.15
N TYR E 21 -1.04 13.77 5.55
CA TYR E 21 -0.74 12.85 4.46
C TYR E 21 -0.89 13.56 3.12
N SER E 22 -0.04 13.19 2.17
CA SER E 22 -0.13 13.79 0.85
C SER E 22 0.29 12.77 -0.18
N GLN E 23 -0.20 12.96 -1.40
CA GLN E 23 0.04 11.99 -2.45
C GLN E 23 1.47 12.12 -2.96
N GLY E 24 2.14 10.98 -3.16
CA GLY E 24 3.40 10.93 -3.87
C GLY E 24 3.38 9.87 -4.95
N ASP E 25 4.46 9.80 -5.72
CA ASP E 25 4.57 8.79 -6.76
C ASP E 25 4.81 7.43 -6.11
N ASP E 26 3.77 6.60 -6.05
CA ASP E 26 3.83 5.23 -5.51
C ASP E 26 4.15 5.23 -4.02
N ILE E 27 3.80 6.30 -3.32
CA ILE E 27 4.08 6.41 -1.89
C ILE E 27 3.20 7.50 -1.30
N ILE E 28 2.57 7.22 -0.18
CA ILE E 28 1.95 8.29 0.58
C ILE E 28 3.06 8.99 1.36
N GLU E 29 2.98 10.31 1.42
CA GLU E 29 4.01 11.09 2.09
C GLU E 29 3.44 11.71 3.36
N ILE E 30 4.33 11.93 4.33
CA ILE E 30 3.94 12.55 5.59
C ILE E 30 4.80 13.79 5.78
N SER E 31 4.25 14.75 6.51
CA SER E 31 4.97 15.96 6.89
C SER E 31 4.18 16.55 8.04
N HIS E 32 4.81 17.48 8.75
CA HIS E 32 4.07 18.23 9.77
C HIS E 32 2.86 18.89 9.12
N ALA E 33 1.71 18.76 9.76
CA ALA E 33 0.53 19.46 9.28
C ALA E 33 0.78 20.96 9.32
N ALA E 34 0.22 21.69 8.36
CA ALA E 34 0.48 23.11 8.27
C ALA E 34 -0.29 23.87 9.34
N GLU E 35 0.24 25.03 9.70
CA GLU E 35 -0.44 25.92 10.63
C GLU E 35 -1.91 26.11 10.24
N ASN E 36 -2.78 26.01 11.24
CA ASN E 36 -4.23 26.21 11.14
C ASN E 36 -4.92 25.24 10.18
N THR E 37 -4.36 24.07 9.93
CA THR E 37 -5.00 23.04 9.13
C THR E 37 -5.46 21.91 10.05
N ILE E 38 -6.39 21.10 9.54
CA ILE E 38 -6.84 19.90 10.25
C ILE E 38 -5.87 18.77 9.98
N PRO E 39 -5.23 18.23 11.01
CA PRO E 39 -4.26 17.15 10.82
C PRO E 39 -4.90 15.79 10.59
N ASP E 40 -4.10 14.88 10.02
CA ASP E 40 -4.55 13.52 9.76
C ASP E 40 -4.15 12.56 10.88
N TYR E 41 -2.98 12.72 11.47
CA TYR E 41 -2.50 11.79 12.49
C TYR E 41 -1.38 12.46 13.27
N VAL E 42 -0.65 11.66 14.05
CA VAL E 42 0.44 12.13 14.89
C VAL E 42 1.63 11.19 14.71
N ALA E 43 2.83 11.76 14.62
CA ALA E 43 4.04 10.96 14.47
C ALA E 43 4.38 10.24 15.77
N VAL E 44 4.87 9.00 15.64
CA VAL E 44 5.35 8.27 16.81
C VAL E 44 6.89 8.30 16.91
N LYS E 45 7.59 8.59 15.83
CA LYS E 45 9.05 8.68 15.87
C LYS E 45 9.50 9.79 14.92
N ASP E 46 10.76 10.21 15.07
CA ASP E 46 11.34 11.13 14.11
C ASP E 46 11.53 10.41 12.78
N VAL E 47 11.26 11.11 11.67
CA VAL E 47 11.56 10.58 10.33
C VAL E 47 12.26 11.68 9.52
N ASP E 48 13.48 11.41 9.08
CA ASP E 48 14.19 12.39 8.28
C ASP E 48 13.57 12.50 6.89
N LYS E 49 13.65 13.71 6.32
CA LYS E 49 13.19 13.93 4.97
C LYS E 49 13.77 12.89 4.02
N GLY E 50 12.88 12.21 3.29
CA GLY E 50 13.32 11.23 2.32
C GLY E 50 13.36 9.81 2.83
N ASP E 51 13.25 9.62 4.15
CA ASP E 51 13.29 8.29 4.74
C ASP E 51 11.88 7.71 4.84
N LEU E 52 11.82 6.39 4.93
CA LEU E 52 10.57 5.66 5.03
C LEU E 52 10.25 5.33 6.47
N THR E 53 8.98 5.07 6.72
CA THR E 53 8.53 4.64 8.03
C THR E 53 7.27 3.80 7.84
N GLN E 54 6.99 2.91 8.79
CA GLN E 54 5.75 2.14 8.79
C GLN E 54 4.76 2.86 9.69
N VAL E 55 3.64 3.29 9.12
CA VAL E 55 2.59 3.95 9.90
C VAL E 55 1.62 2.89 10.41
N ASN E 56 1.39 2.89 11.72
CA ASN E 56 0.48 1.95 12.38
C ASN E 56 -0.65 2.78 12.97
N MET E 57 -1.64 3.08 12.15
CA MET E 57 -2.66 4.06 12.49
C MET E 57 -3.79 3.43 13.30
N TYR E 58 -4.13 4.04 14.46
CA TYR E 58 -5.26 3.58 15.28
C TYR E 58 -6.42 4.57 15.21
N PRO E 59 -7.66 4.09 15.28
CA PRO E 59 -8.81 4.97 15.42
C PRO E 59 -8.97 5.36 16.89
N LEU E 60 -8.67 6.62 17.18
CA LEU E 60 -8.60 7.09 18.56
C LEU E 60 -9.59 8.23 18.78
N ALA E 61 -10.09 8.33 20.01
CA ALA E 61 -10.85 9.49 20.40
C ALA E 61 -10.00 10.54 21.10
N ALA E 62 -8.75 10.21 21.45
CA ALA E 62 -7.86 11.15 22.11
C ALA E 62 -6.45 10.97 21.59
N TRP E 63 -5.77 12.08 21.39
CA TRP E 63 -4.40 12.15 20.94
C TRP E 63 -3.52 12.82 21.99
N GLN E 64 -2.21 12.62 21.85
CA GLN E 64 -1.22 13.34 22.65
C GLN E 64 -0.24 14.00 21.71
N VAL E 65 -0.09 15.33 21.82
CA VAL E 65 0.69 16.17 20.90
C VAL E 65 1.54 17.14 21.70
N ILE E 66 2.69 17.53 21.16
CA ILE E 66 3.49 18.57 21.82
C ILE E 66 2.77 19.92 21.71
N ALA E 67 2.62 20.61 22.85
CA ALA E 67 2.01 21.96 22.85
C ALA E 67 2.95 22.99 22.25
N GLY E 68 2.41 23.85 21.35
CA GLY E 68 3.18 24.92 20.76
C GLY E 68 3.14 26.22 21.53
N SER E 69 2.27 26.31 22.52
CA SER E 69 2.19 27.44 23.43
C SER E 69 1.37 26.97 24.62
N ASP E 70 1.18 27.86 25.60
CA ASP E 70 0.51 27.40 26.80
C ASP E 70 -0.96 27.11 26.51
N ILE E 71 -1.44 26.02 27.09
CA ILE E 71 -2.77 25.48 26.79
C ILE E 71 -3.47 25.26 28.12
N LYS E 72 -4.73 25.70 28.21
N LYS E 72 -4.72 25.69 28.21
CA LYS E 72 -5.57 25.47 29.37
CA LYS E 72 -5.57 25.46 29.37
C LYS E 72 -6.60 24.39 29.07
C LYS E 72 -6.58 24.37 29.06
N VAL E 73 -7.06 23.72 30.13
CA VAL E 73 -8.06 22.67 29.97
C VAL E 73 -9.28 23.23 29.25
N GLY E 74 -9.77 22.51 28.25
CA GLY E 74 -10.92 22.93 27.49
C GLY E 74 -10.63 23.82 26.29
N ASP E 75 -9.39 24.29 26.12
CA ASP E 75 -9.05 25.12 24.97
C ASP E 75 -9.31 24.34 23.69
N ASN E 76 -9.91 25.01 22.71
CA ASN E 76 -10.00 24.40 21.39
C ASN E 76 -8.68 24.56 20.66
N LEU E 77 -8.25 23.47 19.99
CA LEU E 77 -6.89 23.39 19.48
C LEU E 77 -6.88 23.25 17.96
N THR E 78 -5.89 23.88 17.35
CA THR E 78 -5.56 23.73 15.94
C THR E 78 -4.06 23.46 15.83
N THR E 79 -3.58 23.33 14.60
CA THR E 79 -2.16 23.13 14.38
C THR E 79 -1.42 24.45 14.51
N GLY E 80 -0.33 24.45 15.26
CA GLY E 80 0.60 25.57 15.36
C GLY E 80 1.80 25.40 14.45
N LYS E 81 2.93 25.99 14.85
CA LYS E 81 4.17 25.83 14.11
C LYS E 81 4.80 24.48 14.41
N ASP E 82 5.50 23.94 13.41
CA ASP E 82 6.24 22.66 13.51
C ASP E 82 5.37 21.51 14.00
N GLY E 83 4.10 21.49 13.56
CA GLY E 83 3.24 20.37 13.89
C GLY E 83 2.80 20.32 15.34
N THR E 84 2.97 21.41 16.08
CA THR E 84 2.50 21.45 17.46
C THR E 84 1.00 21.78 17.50
N ALA E 85 0.43 21.64 18.70
CA ALA E 85 -0.97 21.99 18.96
C ALA E 85 -1.04 23.30 19.74
N VAL E 86 -1.94 24.20 19.32
CA VAL E 86 -2.08 25.51 19.99
C VAL E 86 -3.56 25.88 20.05
N PRO E 87 -3.92 26.73 21.01
CA PRO E 87 -5.32 27.20 21.06
C PRO E 87 -5.66 28.07 19.86
N THR E 88 -6.93 28.08 19.50
CA THR E 88 -7.40 29.01 18.47
C THR E 88 -8.80 29.49 18.80
N ASP E 89 -9.14 30.64 18.22
CA ASP E 89 -10.47 31.21 18.29
C ASP E 89 -11.27 31.02 17.01
N ASP E 90 -10.69 30.33 16.02
CA ASP E 90 -11.37 30.11 14.74
C ASP E 90 -11.95 28.72 14.73
N PRO E 91 -13.28 28.57 14.81
CA PRO E 91 -13.86 27.21 14.90
C PRO E 91 -13.56 26.32 13.72
N SER E 92 -13.44 26.87 12.51
CA SER E 92 -13.27 26.03 11.33
C SER E 92 -11.89 25.38 11.25
N THR E 93 -10.96 25.77 12.12
CA THR E 93 -9.63 25.15 12.16
C THR E 93 -9.45 24.20 13.34
N VAL E 94 -10.45 24.02 14.18
CA VAL E 94 -10.32 23.22 15.40
C VAL E 94 -10.40 21.74 15.08
N PHE E 95 -9.46 20.94 15.60
CA PHE E 95 -9.56 19.49 15.48
C PHE E 95 -9.78 18.77 16.81
N GLY E 96 -9.68 19.47 17.95
CA GLY E 96 -9.91 18.83 19.23
C GLY E 96 -9.86 19.87 20.34
N TYR E 97 -10.11 19.41 21.57
CA TYR E 97 -9.99 20.28 22.74
C TYR E 97 -9.10 19.64 23.79
N ALA E 98 -8.35 20.47 24.51
CA ALA E 98 -7.42 19.99 25.51
C ALA E 98 -8.17 19.43 26.71
N VAL E 99 -7.73 18.28 27.22
CA VAL E 99 -8.28 17.75 28.45
C VAL E 99 -7.31 17.85 29.61
N GLU E 100 -6.22 18.59 29.43
CA GLU E 100 -5.34 18.93 30.53
C GLU E 100 -4.56 20.18 30.17
N GLU E 101 -3.99 20.80 31.19
CA GLU E 101 -3.12 21.96 30.99
C GLU E 101 -1.77 21.51 30.42
N ALA E 102 -1.15 22.39 29.63
CA ALA E 102 0.20 22.14 29.14
C ALA E 102 0.89 23.47 28.88
N GLN E 103 2.17 23.52 29.25
CA GLN E 103 3.05 24.61 28.87
C GLN E 103 3.66 24.30 27.50
N GLU E 104 4.15 25.34 26.85
CA GLU E 104 4.80 25.17 25.55
C GLU E 104 5.92 24.14 25.62
N GLY E 105 5.90 23.17 24.69
CA GLY E 105 6.89 22.10 24.70
C GLY E 105 6.50 20.86 25.46
N GLN E 106 5.44 20.92 26.26
CA GLN E 106 4.95 19.81 27.04
C GLN E 106 3.93 19.02 26.23
N LEU E 107 3.93 17.71 26.42
CA LEU E 107 2.89 16.90 25.81
C LEU E 107 1.53 17.30 26.37
N VAL E 108 0.54 17.41 25.50
CA VAL E 108 -0.82 17.70 25.92
C VAL E 108 -1.75 16.62 25.37
N THR E 109 -2.70 16.23 26.19
CA THR E 109 -3.70 15.26 25.79
C THR E 109 -4.94 16.01 25.34
N LEU E 110 -5.52 15.55 24.23
CA LEU E 110 -6.67 16.25 23.67
C LEU E 110 -7.66 15.24 23.12
N VAL E 111 -8.93 15.63 23.08
CA VAL E 111 -10.01 14.79 22.57
C VAL E 111 -10.40 15.29 21.19
N ILE E 112 -10.43 14.37 20.21
CA ILE E 112 -10.65 14.66 18.80
C ILE E 112 -12.13 14.91 18.51
N SER E 113 -12.40 15.79 17.53
CA SER E 113 -13.74 15.89 16.93
C SER E 113 -13.99 14.80 15.89
N ARG E 114 -13.06 14.62 14.95
CA ARG E 114 -13.29 13.73 13.79
C ARG E 114 -12.82 12.30 14.08
N SER E 115 -13.54 11.65 15.00
CA SER E 115 -13.33 10.24 15.28
C SER E 115 -14.51 9.43 14.74
N LYS E 116 -14.59 8.15 15.14
CA LYS E 116 -15.77 7.34 14.84
C LYS E 116 -17.02 7.86 15.56
N LEU E 117 -16.86 8.80 16.49
CA LEU E 117 -17.97 9.37 17.25
C LEU E 117 -18.54 10.65 16.64
N GLU E 118 -17.89 11.22 15.63
CA GLU E 118 -18.30 12.50 15.04
C GLU E 118 -19.78 12.55 14.66
N MET F 1 2.56 -17.73 -21.92
CA MET F 1 1.14 -17.96 -22.17
C MET F 1 0.43 -18.53 -20.94
N MET F 2 -0.65 -17.87 -20.51
CA MET F 2 -1.43 -18.38 -19.39
C MET F 2 -2.24 -19.59 -19.83
N VAL F 3 -2.75 -20.33 -18.85
CA VAL F 3 -3.50 -21.55 -19.15
C VAL F 3 -4.68 -21.66 -18.19
N SER F 4 -5.81 -22.11 -18.72
N SER F 4 -5.81 -22.10 -18.73
CA SER F 4 -6.99 -22.40 -17.92
CA SER F 4 -7.01 -22.41 -17.94
C SER F 4 -7.33 -23.89 -18.07
C SER F 4 -7.31 -23.89 -18.06
N PHE F 5 -7.65 -24.52 -16.94
CA PHE F 5 -8.01 -25.93 -16.94
C PHE F 5 -8.89 -26.18 -15.73
N THR F 6 -9.68 -27.24 -15.83
CA THR F 6 -10.63 -27.63 -14.79
C THR F 6 -9.99 -28.67 -13.89
N ALA F 7 -9.93 -28.38 -12.59
CA ALA F 7 -9.33 -29.28 -11.62
C ALA F 7 -10.37 -29.72 -10.61
N ARG F 8 -10.08 -30.80 -9.90
CA ARG F 8 -10.94 -31.30 -8.83
C ARG F 8 -10.21 -31.18 -7.50
N ALA F 9 -10.89 -30.62 -6.50
CA ALA F 9 -10.28 -30.51 -5.18
C ALA F 9 -10.28 -31.88 -4.52
N LYS F 10 -9.09 -32.37 -4.19
CA LYS F 10 -8.93 -33.64 -3.48
C LYS F 10 -9.27 -33.49 -1.99
N SER F 11 -9.30 -32.26 -1.49
CA SER F 11 -9.68 -31.95 -0.12
C SER F 11 -10.02 -30.46 -0.08
N ASN F 12 -10.48 -30.00 1.09
CA ASN F 12 -10.88 -28.62 1.20
C ASN F 12 -9.69 -27.69 0.98
N VAL F 13 -9.89 -26.68 0.16
CA VAL F 13 -8.88 -25.69 -0.19
C VAL F 13 -9.44 -24.33 0.15
N MET F 14 -8.58 -23.43 0.65
CA MET F 14 -9.01 -22.09 1.04
C MET F 14 -8.28 -21.03 0.21
N ALA F 15 -8.95 -19.89 0.00
CA ALA F 15 -8.35 -18.78 -0.74
C ALA F 15 -7.00 -18.37 -0.17
N TYR F 16 -6.06 -18.11 -1.08
CA TYR F 16 -4.73 -17.56 -0.78
C TYR F 16 -3.84 -18.54 -0.02
N ARG F 17 -4.16 -19.83 -0.07
CA ARG F 17 -3.30 -20.88 0.46
C ARG F 17 -2.51 -21.51 -0.67
N LEU F 18 -1.37 -22.10 -0.31
CA LEU F 18 -0.52 -22.79 -1.26
C LEU F 18 -1.17 -24.11 -1.69
N LEU F 19 -1.10 -24.39 -2.99
CA LEU F 19 -1.69 -25.58 -3.59
C LEU F 19 -0.62 -26.53 -4.10
N ALA F 20 -0.85 -27.83 -3.91
CA ALA F 20 -0.13 -28.88 -4.61
C ALA F 20 -1.05 -29.49 -5.66
N TYR F 21 -0.51 -29.70 -6.86
CA TYR F 21 -1.20 -30.42 -7.92
C TYR F 21 -0.81 -31.89 -7.90
N SER F 22 -1.76 -32.75 -8.29
CA SER F 22 -1.48 -34.17 -8.41
C SER F 22 -2.34 -34.74 -9.54
N GLN F 23 -1.98 -35.93 -9.99
CA GLN F 23 -2.68 -36.55 -11.10
C GLN F 23 -3.90 -37.32 -10.58
N GLY F 24 -5.08 -36.94 -11.04
CA GLY F 24 -6.30 -37.67 -10.80
C GLY F 24 -6.63 -38.58 -11.97
N ASP F 25 -7.89 -38.98 -12.03
CA ASP F 25 -8.39 -39.78 -13.15
C ASP F 25 -8.75 -38.84 -14.29
N ASP F 26 -7.79 -38.64 -15.22
CA ASP F 26 -7.96 -37.75 -16.36
C ASP F 26 -8.28 -36.31 -15.92
N ILE F 27 -7.73 -35.89 -14.78
CA ILE F 27 -7.98 -34.55 -14.27
C ILE F 27 -6.86 -34.19 -13.30
N ILE F 28 -6.56 -32.90 -13.22
CA ILE F 28 -5.64 -32.42 -12.20
C ILE F 28 -6.41 -32.35 -10.89
N GLU F 29 -5.82 -32.84 -9.80
CA GLU F 29 -6.42 -32.67 -8.49
C GLU F 29 -5.65 -31.64 -7.67
N ILE F 30 -6.35 -30.88 -6.85
CA ILE F 30 -5.69 -29.84 -6.06
C ILE F 30 -5.94 -30.09 -4.59
N SER F 31 -4.98 -29.64 -3.78
CA SER F 31 -5.07 -29.68 -2.32
C SER F 31 -4.04 -28.71 -1.80
N HIS F 32 -4.14 -28.40 -0.50
CA HIS F 32 -3.13 -27.58 0.12
C HIS F 32 -1.78 -28.28 0.02
N ALA F 33 -0.75 -27.53 -0.34
CA ALA F 33 0.60 -28.07 -0.32
C ALA F 33 0.94 -28.52 1.10
N ALA F 34 1.54 -29.69 1.21
CA ALA F 34 1.89 -30.23 2.52
C ALA F 34 3.07 -29.47 3.13
N GLU F 35 3.13 -29.48 4.46
CA GLU F 35 4.21 -28.83 5.20
C GLU F 35 5.58 -29.21 4.63
N ASN F 36 6.43 -28.20 4.47
CA ASN F 36 7.82 -28.36 4.05
C ASN F 36 7.96 -28.88 2.61
N THR F 37 6.96 -28.67 1.76
CA THR F 37 7.05 -29.05 0.37
C THR F 37 7.06 -27.81 -0.52
N ILE F 38 7.33 -28.03 -1.80
CA ILE F 38 7.37 -26.96 -2.81
C ILE F 38 6.00 -26.89 -3.45
N PRO F 39 5.27 -25.78 -3.32
CA PRO F 39 3.93 -25.69 -3.90
C PRO F 39 3.96 -25.45 -5.41
N ASP F 40 2.81 -25.72 -6.03
CA ASP F 40 2.62 -25.54 -7.46
C ASP F 40 1.91 -24.24 -7.82
N TYR F 41 0.96 -23.76 -7.02
CA TYR F 41 0.26 -22.50 -7.31
C TYR F 41 -0.39 -22.02 -6.03
N VAL F 42 -1.33 -21.09 -6.16
CA VAL F 42 -2.00 -20.47 -5.02
C VAL F 42 -3.49 -20.41 -5.36
N ALA F 43 -4.34 -20.75 -4.40
CA ALA F 43 -5.77 -20.69 -4.62
C ALA F 43 -6.26 -19.25 -4.62
N VAL F 44 -7.23 -18.96 -5.49
CA VAL F 44 -7.88 -17.66 -5.51
C VAL F 44 -9.18 -17.66 -4.74
N LYS F 45 -9.72 -18.84 -4.43
CA LYS F 45 -10.96 -18.92 -3.65
C LYS F 45 -11.06 -20.30 -3.04
N ASP F 46 -11.96 -20.41 -2.05
CA ASP F 46 -12.26 -21.70 -1.44
C ASP F 46 -12.83 -22.66 -2.47
N VAL F 47 -12.45 -23.93 -2.37
CA VAL F 47 -13.03 -25.01 -3.15
C VAL F 47 -13.28 -26.17 -2.20
N ASP F 48 -14.51 -26.67 -2.15
CA ASP F 48 -14.83 -27.79 -1.29
C ASP F 48 -14.35 -29.10 -1.89
N LYS F 49 -14.10 -30.07 -1.02
CA LYS F 49 -13.65 -31.40 -1.42
C LYS F 49 -14.58 -31.99 -2.47
N GLY F 50 -13.99 -32.49 -3.55
CA GLY F 50 -14.73 -33.14 -4.61
C GLY F 50 -15.31 -32.23 -5.67
N ASP F 51 -15.28 -30.91 -5.45
CA ASP F 51 -15.84 -29.95 -6.40
C ASP F 51 -14.85 -29.67 -7.52
N LEU F 52 -15.39 -29.40 -8.71
CA LEU F 52 -14.56 -28.95 -9.82
C LEU F 52 -14.39 -27.44 -9.71
N THR F 53 -13.20 -26.97 -10.09
CA THR F 53 -12.92 -25.54 -10.13
C THR F 53 -12.08 -25.27 -11.37
N GLN F 54 -12.23 -24.08 -11.93
CA GLN F 54 -11.43 -23.68 -13.08
C GLN F 54 -10.23 -22.91 -12.56
N VAL F 55 -9.05 -23.49 -12.75
CA VAL F 55 -7.78 -22.85 -12.41
C VAL F 55 -7.34 -21.98 -13.58
N ASN F 56 -6.93 -20.76 -13.29
CA ASN F 56 -6.32 -19.88 -14.30
C ASN F 56 -4.90 -19.59 -13.85
N MET F 57 -3.92 -20.18 -14.52
CA MET F 57 -2.52 -19.99 -14.11
C MET F 57 -1.85 -18.94 -14.99
N TYR F 58 -1.36 -17.91 -14.36
CA TYR F 58 -0.67 -16.83 -15.04
C TYR F 58 0.84 -16.94 -14.86
N PRO F 59 1.62 -16.39 -15.78
CA PRO F 59 3.08 -16.32 -15.58
C PRO F 59 3.46 -15.31 -14.51
N LEU F 60 3.76 -15.79 -13.32
CA LEU F 60 4.00 -14.96 -12.15
C LEU F 60 5.36 -15.31 -11.57
N ALA F 61 6.15 -14.30 -11.25
CA ALA F 61 7.41 -14.52 -10.56
C ALA F 61 7.30 -14.25 -9.07
N ALA F 62 6.17 -13.71 -8.63
CA ALA F 62 5.88 -13.38 -7.25
C ALA F 62 4.47 -13.90 -6.94
N TRP F 63 4.28 -14.39 -5.71
CA TRP F 63 2.99 -14.84 -5.22
C TRP F 63 2.60 -14.04 -3.97
N GLN F 64 1.30 -14.03 -3.68
CA GLN F 64 0.80 -13.43 -2.44
C GLN F 64 -0.03 -14.48 -1.70
N VAL F 65 0.37 -14.81 -0.47
CA VAL F 65 -0.10 -16.00 0.22
C VAL F 65 -0.26 -15.68 1.71
N ILE F 66 -1.08 -16.49 2.40
CA ILE F 66 -1.30 -16.29 3.84
C ILE F 66 -0.04 -16.67 4.61
N ALA F 67 0.39 -15.77 5.50
CA ALA F 67 1.51 -16.06 6.39
C ALA F 67 1.06 -17.02 7.50
N GLY F 68 1.85 -18.09 7.71
CA GLY F 68 1.60 -19.00 8.80
C GLY F 68 2.20 -18.57 10.12
N SER F 69 3.14 -17.62 10.10
CA SER F 69 3.67 -17.00 11.31
C SER F 69 4.19 -15.62 10.90
N ASP F 70 4.78 -14.91 11.85
CA ASP F 70 5.35 -13.60 11.52
C ASP F 70 6.47 -13.77 10.51
N ILE F 71 6.48 -12.91 9.49
CA ILE F 71 7.45 -12.98 8.40
C ILE F 71 8.07 -11.60 8.21
N LYS F 72 9.39 -11.55 8.08
CA LYS F 72 10.09 -10.30 7.82
C LYS F 72 10.59 -10.26 6.39
N VAL F 73 10.89 -9.04 5.93
CA VAL F 73 11.39 -8.86 4.56
C VAL F 73 12.68 -9.65 4.40
N GLY F 74 12.71 -10.52 3.41
CA GLY F 74 13.89 -11.30 3.11
C GLY F 74 13.88 -12.69 3.74
N ASP F 75 12.89 -12.99 4.58
CA ASP F 75 12.77 -14.34 5.14
C ASP F 75 12.57 -15.35 4.01
N ASN F 76 13.37 -16.41 4.04
CA ASN F 76 13.18 -17.50 3.10
C ASN F 76 12.05 -18.40 3.59
N LEU F 77 11.17 -18.80 2.68
CA LEU F 77 9.89 -19.37 3.02
C LEU F 77 9.77 -20.81 2.56
N THR F 78 9.06 -21.61 3.35
CA THR F 78 8.59 -22.92 2.95
C THR F 78 7.09 -22.99 3.29
N THR F 79 6.47 -24.12 2.95
CA THR F 79 5.09 -24.36 3.32
C THR F 79 4.98 -24.73 4.80
N GLY F 80 4.05 -24.07 5.50
CA GLY F 80 3.72 -24.39 6.86
C GLY F 80 2.51 -25.28 6.96
N LYS F 81 1.76 -25.12 8.04
CA LYS F 81 0.53 -25.89 8.19
C LYS F 81 -0.62 -25.25 7.41
N ASP F 82 -1.52 -26.09 6.93
CA ASP F 82 -2.75 -25.66 6.24
C ASP F 82 -2.47 -24.77 5.03
N GLY F 83 -1.36 -25.02 4.32
CA GLY F 83 -1.09 -24.30 3.10
C GLY F 83 -0.62 -22.87 3.28
N THR F 84 -0.19 -22.49 4.48
CA THR F 84 0.38 -21.18 4.73
C THR F 84 1.88 -21.18 4.42
N ALA F 85 2.45 -19.98 4.31
CA ALA F 85 3.89 -19.81 4.16
C ALA F 85 4.53 -19.41 5.49
N VAL F 86 5.69 -19.99 5.79
CA VAL F 86 6.40 -19.69 7.04
C VAL F 86 7.89 -19.63 6.76
N PRO F 87 8.63 -18.90 7.61
CA PRO F 87 10.09 -18.87 7.44
C PRO F 87 10.70 -20.25 7.66
N THR F 88 11.86 -20.46 7.05
CA THR F 88 12.60 -21.69 7.22
C THR F 88 14.09 -21.41 7.04
N ASP F 89 14.91 -22.33 7.53
CA ASP F 89 16.35 -22.29 7.31
C ASP F 89 16.84 -23.40 6.41
N ASP F 90 16.13 -24.53 6.36
CA ASP F 90 16.46 -25.66 5.50
C ASP F 90 16.38 -25.24 4.05
N PRO F 91 17.52 -25.18 3.34
CA PRO F 91 17.47 -24.73 1.93
C PRO F 91 16.75 -25.69 1.00
N SER F 92 16.62 -26.96 1.38
CA SER F 92 15.94 -27.92 0.53
C SER F 92 14.43 -27.73 0.52
N THR F 93 13.87 -27.03 1.49
CA THR F 93 12.44 -26.79 1.55
C THR F 93 12.06 -25.37 1.14
N VAL F 94 13.05 -24.51 0.84
CA VAL F 94 12.77 -23.15 0.43
C VAL F 94 12.11 -23.15 -0.93
N PHE F 95 11.00 -22.42 -1.07
CA PHE F 95 10.38 -22.18 -2.36
C PHE F 95 10.31 -20.70 -2.73
N GLY F 96 10.69 -19.80 -1.84
CA GLY F 96 10.72 -18.39 -2.18
C GLY F 96 11.20 -17.59 -1.00
N TYR F 97 11.28 -16.29 -1.20
CA TYR F 97 11.65 -15.39 -0.11
C TYR F 97 10.72 -14.19 -0.07
N ALA F 98 10.39 -13.78 1.14
CA ALA F 98 9.47 -12.67 1.36
C ALA F 98 10.06 -11.36 0.88
N VAL F 99 9.24 -10.57 0.19
CA VAL F 99 9.62 -9.21 -0.19
C VAL F 99 8.77 -8.18 0.53
N GLU F 100 7.99 -8.61 1.51
CA GLU F 100 7.23 -7.74 2.41
C GLU F 100 7.23 -8.35 3.80
N GLU F 101 7.03 -7.52 4.81
CA GLU F 101 6.77 -8.01 6.15
C GLU F 101 5.32 -8.46 6.23
N ALA F 102 5.07 -9.48 7.06
CA ALA F 102 3.70 -9.95 7.25
C ALA F 102 3.55 -10.57 8.63
N GLN F 103 2.54 -10.12 9.36
CA GLN F 103 2.20 -10.80 10.61
C GLN F 103 1.37 -12.05 10.32
N GLU F 104 1.41 -13.01 11.25
CA GLU F 104 0.70 -14.26 11.06
C GLU F 104 -0.75 -14.02 10.66
N GLY F 105 -1.19 -14.67 9.59
CA GLY F 105 -2.57 -14.59 9.16
C GLY F 105 -2.86 -13.53 8.10
N GLN F 106 -1.96 -12.56 7.92
CA GLN F 106 -2.09 -11.62 6.83
C GLN F 106 -1.38 -12.17 5.59
N LEU F 107 -1.55 -11.46 4.48
CA LEU F 107 -0.94 -11.88 3.22
C LEU F 107 0.49 -11.38 3.12
N VAL F 108 1.39 -12.25 2.68
CA VAL F 108 2.78 -11.89 2.43
C VAL F 108 3.03 -12.02 0.94
N THR F 109 3.83 -11.11 0.39
CA THR F 109 4.28 -11.21 -0.99
C THR F 109 5.68 -11.81 -1.01
N LEU F 110 5.90 -12.76 -1.91
CA LEU F 110 7.15 -13.48 -1.96
C LEU F 110 7.58 -13.61 -3.41
N VAL F 111 8.89 -13.68 -3.63
CA VAL F 111 9.45 -13.89 -4.95
C VAL F 111 9.79 -15.38 -5.07
N ILE F 112 9.30 -16.03 -6.13
CA ILE F 112 9.51 -17.46 -6.31
C ILE F 112 10.99 -17.72 -6.53
N SER F 113 11.56 -18.65 -5.77
CA SER F 113 12.99 -18.93 -5.85
C SER F 113 13.31 -20.16 -5.02
N ARG F 114 14.17 -21.02 -5.56
CA ARG F 114 14.61 -22.20 -4.83
C ARG F 114 15.94 -21.98 -4.10
N SER F 115 16.41 -20.73 -4.04
CA SER F 115 17.58 -20.37 -3.24
C SER F 115 17.25 -19.14 -2.41
N LYS F 116 18.00 -18.97 -1.32
CA LYS F 116 17.77 -17.86 -0.41
C LYS F 116 18.14 -16.54 -1.09
N LEU F 117 17.98 -15.43 -0.35
CA LEU F 117 18.18 -14.12 -0.95
C LEU F 117 19.65 -13.72 -1.06
N GLU F 118 20.53 -14.30 -0.26
CA GLU F 118 21.95 -13.96 -0.34
C GLU F 118 22.81 -15.19 -0.61
S SO4 G . -13.26 5.68 33.94
O1 SO4 G . -13.45 6.21 32.56
O2 SO4 G . -11.80 5.67 34.22
O3 SO4 G . -13.93 6.57 34.92
O4 SO4 G . -13.82 4.32 34.03
S SO4 H . 24.24 11.82 -21.05
O1 SO4 H . 23.98 12.40 -22.38
O2 SO4 H . 25.69 11.78 -20.80
O3 SO4 H . 23.58 12.65 -20.01
O4 SO4 H . 23.68 10.45 -21.01
S SO4 I . 30.88 23.19 -10.47
O1 SO4 I . 30.29 24.33 -11.18
O2 SO4 I . 31.79 22.65 -11.49
O3 SO4 I . 29.87 22.16 -10.15
O4 SO4 I . 31.71 23.43 -9.25
S SO4 J . -9.25 -5.48 6.83
O1 SO4 J . -9.54 -5.10 5.44
O2 SO4 J . -9.54 -6.91 7.05
O3 SO4 J . -7.81 -5.22 7.09
O4 SO4 J . -10.07 -4.67 7.75
S SO4 K . -15.31 -19.83 10.60
O1 SO4 K . -15.81 -19.55 9.23
O2 SO4 K . -13.83 -19.96 10.58
O3 SO4 K . -15.67 -18.70 11.49
O4 SO4 K . -15.89 -21.10 11.10
S SO4 L . 13.99 -8.01 -19.22
O1 SO4 L . 15.35 -7.44 -19.19
O2 SO4 L . 13.69 -8.50 -20.59
O3 SO4 L . 13.00 -6.98 -18.84
O4 SO4 L . 13.91 -9.14 -18.25
S SO4 M . -1.32 9.65 19.36
O1 SO4 M . -1.64 9.50 17.93
O2 SO4 M . 0.07 10.14 19.57
O3 SO4 M . -2.20 10.65 19.96
O4 SO4 M . -1.52 8.37 20.07
S SO4 N . -16.10 -21.07 -10.04
O1 SO4 N . -17.02 -20.55 -11.09
O2 SO4 N . -14.64 -20.89 -10.28
O3 SO4 N . -16.34 -20.06 -8.99
O4 SO4 N . -16.56 -22.31 -9.39
#